data_6Q8V
# 
_entry.id   6Q8V 
# 
_audit_conform.dict_name       mmcif_pdbx.dic 
_audit_conform.dict_version    5.383 
_audit_conform.dict_location   http://mmcif.pdb.org/dictionaries/ascii/mmcif_pdbx.dic 
# 
loop_
_database_2.database_id 
_database_2.database_code 
_database_2.pdbx_database_accession 
_database_2.pdbx_DOI 
PDB   6Q8V         pdb_00006q8v 10.2210/pdb6q8v/pdb 
WWPDB D_1200013473 ?            ?                   
# 
loop_
_pdbx_audit_revision_history.ordinal 
_pdbx_audit_revision_history.data_content_type 
_pdbx_audit_revision_history.major_revision 
_pdbx_audit_revision_history.minor_revision 
_pdbx_audit_revision_history.revision_date 
1 'Structure model' 1 0 2019-07-03 
2 'Structure model' 1 1 2019-07-10 
3 'Structure model' 1 2 2019-09-11 
4 'Structure model' 1 3 2024-01-24 
# 
_pdbx_audit_revision_details.ordinal             1 
_pdbx_audit_revision_details.revision_ordinal    1 
_pdbx_audit_revision_details.data_content_type   'Structure model' 
_pdbx_audit_revision_details.provider            repository 
_pdbx_audit_revision_details.type                'Initial release' 
_pdbx_audit_revision_details.description         ? 
_pdbx_audit_revision_details.details             ? 
# 
loop_
_pdbx_audit_revision_group.ordinal 
_pdbx_audit_revision_group.revision_ordinal 
_pdbx_audit_revision_group.data_content_type 
_pdbx_audit_revision_group.group 
1 2 'Structure model' 'Data collection'        
2 2 'Structure model' 'Database references'    
3 3 'Structure model' 'Data collection'        
4 3 'Structure model' 'Database references'    
5 4 'Structure model' 'Data collection'        
6 4 'Structure model' 'Database references'    
7 4 'Structure model' 'Refinement description' 
# 
loop_
_pdbx_audit_revision_category.ordinal 
_pdbx_audit_revision_category.revision_ordinal 
_pdbx_audit_revision_category.data_content_type 
_pdbx_audit_revision_category.category 
1 2 'Structure model' citation                      
2 2 'Structure model' pdbx_database_proc            
3 3 'Structure model' citation                      
4 4 'Structure model' chem_comp_atom                
5 4 'Structure model' chem_comp_bond                
6 4 'Structure model' database_2                    
7 4 'Structure model' pdbx_initial_refinement_model 
# 
loop_
_pdbx_audit_revision_item.ordinal 
_pdbx_audit_revision_item.revision_ordinal 
_pdbx_audit_revision_item.data_content_type 
_pdbx_audit_revision_item.item 
1 2 'Structure model' '_citation.page_first'                
2 2 'Structure model' '_citation.page_last'                 
3 2 'Structure model' '_citation.pdbx_database_id_PubMed'   
4 2 'Structure model' '_citation.title'                     
5 3 'Structure model' '_citation.journal_volume'            
6 3 'Structure model' '_citation.page_first'                
7 3 'Structure model' '_citation.page_last'                 
8 4 'Structure model' '_database_2.pdbx_DOI'                
9 4 'Structure model' '_database_2.pdbx_database_accession' 
# 
_pdbx_database_status.status_code                     REL 
_pdbx_database_status.status_code_sf                  REL 
_pdbx_database_status.status_code_mr                  ? 
_pdbx_database_status.entry_id                        6Q8V 
_pdbx_database_status.recvd_initial_deposition_date   2018-12-16 
_pdbx_database_status.SG_entry                        N 
_pdbx_database_status.deposit_site                    PDBE 
_pdbx_database_status.process_site                    PDBE 
_pdbx_database_status.status_code_cs                  ? 
_pdbx_database_status.methods_development_category    ? 
_pdbx_database_status.pdb_format_compatible           Y 
_pdbx_database_status.status_code_nmr_data            ? 
# 
loop_
_audit_author.name 
_audit_author.pdbx_ordinal 
_audit_author.identifier_ORCID 
'Huang, L.'      1 ? 
'Lilley, D.M.J.' 2 ? 
# 
_citation.abstract                  ? 
_citation.abstract_id_CAS           ? 
_citation.book_id_ISBN              ? 
_citation.book_publisher            ? 
_citation.book_publisher_city       ? 
_citation.book_title                ? 
_citation.coordinate_linkage        ? 
_citation.country                   US 
_citation.database_id_Medline       ? 
_citation.details                   ? 
_citation.id                        primary 
_citation.journal_abbrev            'Rna Biol.' 
_citation.journal_id_ASTM           ? 
_citation.journal_id_CSD            ? 
_citation.journal_id_ISSN           1555-8584 
_citation.journal_full              ? 
_citation.journal_issue             ? 
_citation.journal_volume            16 
_citation.language                  ? 
_citation.page_first                1377 
_citation.page_last                 1385 
_citation.title                     'Effect of methylation of adenine N6on kink turn structure depends on location.' 
_citation.year                      2019 
_citation.database_id_CSD           ? 
_citation.pdbx_database_id_DOI      10.1080/15476286.2019.1630797 
_citation.pdbx_database_id_PubMed   31234702 
_citation.unpublished_flag          ? 
# 
loop_
_citation_author.citation_id 
_citation_author.name 
_citation_author.ordinal 
_citation_author.identifier_ORCID 
primary 'Ashraf, S.'     1 ? 
primary 'Huang, L.'      2 ? 
primary 'Lilley, D.M.J.' 3 ? 
# 
loop_
_entity.id 
_entity.type 
_entity.src_method 
_entity.pdbx_description 
_entity.formula_weight 
_entity.pdbx_number_of_molecules 
_entity.pdbx_ec 
_entity.pdbx_mutation 
_entity.pdbx_fragment 
_entity.details 
1 polymer syn 
;RNA (5'-R(*GP*GP*CP*GP*AP*AP*GP*(6MZ)P*AP*CP*CP*GP*GP*GP*GP*AP*GP*CP*C)-3')
;
6247.860 1 ? ? ? ? 
2 water   nat water                                                                         18.015   1 ? ? ? ? 
# 
_entity_poly.entity_id                      1 
_entity_poly.type                           polyribonucleotide 
_entity_poly.nstd_linkage                   no 
_entity_poly.nstd_monomer                   yes 
_entity_poly.pdbx_seq_one_letter_code       'GGCGAAG(6MZ)ACCGGGGAGCC' 
_entity_poly.pdbx_seq_one_letter_code_can   GGCGAAGAACCGGGGAGCC 
_entity_poly.pdbx_strand_id                 A 
_entity_poly.pdbx_target_identifier         ? 
# 
_pdbx_entity_nonpoly.entity_id   2 
_pdbx_entity_nonpoly.name        water 
_pdbx_entity_nonpoly.comp_id     HOH 
# 
loop_
_entity_poly_seq.entity_id 
_entity_poly_seq.num 
_entity_poly_seq.mon_id 
_entity_poly_seq.hetero 
1 1  G   n 
1 2  G   n 
1 3  C   n 
1 4  G   n 
1 5  A   n 
1 6  A   n 
1 7  G   n 
1 8  6MZ n 
1 9  A   n 
1 10 C   n 
1 11 C   n 
1 12 G   n 
1 13 G   n 
1 14 G   n 
1 15 G   n 
1 16 A   n 
1 17 G   n 
1 18 C   n 
1 19 C   n 
# 
_pdbx_entity_src_syn.entity_id              1 
_pdbx_entity_src_syn.pdbx_src_id            1 
_pdbx_entity_src_syn.pdbx_alt_source_flag   sample 
_pdbx_entity_src_syn.pdbx_beg_seq_num       1 
_pdbx_entity_src_syn.pdbx_end_seq_num       19 
_pdbx_entity_src_syn.organism_scientific    'Haloarcula marismortui' 
_pdbx_entity_src_syn.organism_common_name   ? 
_pdbx_entity_src_syn.ncbi_taxonomy_id       2238 
_pdbx_entity_src_syn.details                ? 
# 
loop_
_chem_comp.id 
_chem_comp.type 
_chem_comp.mon_nstd_flag 
_chem_comp.name 
_chem_comp.pdbx_synonyms 
_chem_comp.formula 
_chem_comp.formula_weight 
6MZ 'RNA linking' n "N6-METHYLADENOSINE-5'-MONOPHOSPHATE" ? 'C11 H16 N5 O7 P' 361.248 
A   'RNA linking' y "ADENOSINE-5'-MONOPHOSPHATE"          ? 'C10 H14 N5 O7 P' 347.221 
C   'RNA linking' y "CYTIDINE-5'-MONOPHOSPHATE"           ? 'C9 H14 N3 O8 P'  323.197 
G   'RNA linking' y "GUANOSINE-5'-MONOPHOSPHATE"          ? 'C10 H14 N5 O8 P' 363.221 
HOH non-polymer   . WATER                                 ? 'H2 O'            18.015  
# 
loop_
_pdbx_poly_seq_scheme.asym_id 
_pdbx_poly_seq_scheme.entity_id 
_pdbx_poly_seq_scheme.seq_id 
_pdbx_poly_seq_scheme.mon_id 
_pdbx_poly_seq_scheme.ndb_seq_num 
_pdbx_poly_seq_scheme.pdb_seq_num 
_pdbx_poly_seq_scheme.auth_seq_num 
_pdbx_poly_seq_scheme.pdb_mon_id 
_pdbx_poly_seq_scheme.auth_mon_id 
_pdbx_poly_seq_scheme.pdb_strand_id 
_pdbx_poly_seq_scheme.pdb_ins_code 
_pdbx_poly_seq_scheme.hetero 
A 1 1  G   1  1  1  G   G   A . n 
A 1 2  G   2  2  2  G   G   A . n 
A 1 3  C   3  3  3  C   C   A . n 
A 1 4  G   4  4  4  G   G   A . n 
A 1 5  A   5  5  5  A   A   A . n 
A 1 6  A   6  6  6  A   A   A . n 
A 1 7  G   7  7  7  G   G   A . n 
A 1 8  6MZ 8  8  8  6MZ 6MZ A . n 
A 1 9  A   9  9  9  A   A   A . n 
A 1 10 C   10 10 10 C   C   A . n 
A 1 11 C   11 11 11 C   C   A . n 
A 1 12 G   12 12 12 G   G   A . n 
A 1 13 G   13 13 13 G   G   A . n 
A 1 14 G   14 14 14 G   G   A . n 
A 1 15 G   15 15 15 G   G   A . n 
A 1 16 A   16 16 16 A   A   A . n 
A 1 17 G   17 17 17 G   G   A . n 
A 1 18 C   18 18 18 C   C   A . n 
A 1 19 C   19 19 19 C   C   A . n 
# 
_pdbx_nonpoly_scheme.asym_id         B 
_pdbx_nonpoly_scheme.entity_id       2 
_pdbx_nonpoly_scheme.mon_id          HOH 
_pdbx_nonpoly_scheme.ndb_seq_num     1 
_pdbx_nonpoly_scheme.pdb_seq_num     101 
_pdbx_nonpoly_scheme.auth_seq_num    1 
_pdbx_nonpoly_scheme.pdb_mon_id      HOH 
_pdbx_nonpoly_scheme.auth_mon_id     HOH 
_pdbx_nonpoly_scheme.pdb_strand_id   A 
_pdbx_nonpoly_scheme.pdb_ins_code    . 
# 
loop_
_software.citation_id 
_software.classification 
_software.compiler_name 
_software.compiler_version 
_software.contact_author 
_software.contact_author_email 
_software.date 
_software.description 
_software.dependencies 
_software.hardware 
_software.language 
_software.location 
_software.mods 
_software.name 
_software.os 
_software.os_version 
_software.type 
_software.version 
_software.pdbx_ordinal 
? refinement       ? ? ? ? ? ? ? ? ? ? ? PHENIX ? ? ? '(1.13_2998: ???)' 1 
? 'data reduction' ? ? ? ? ? ? ? ? ? ? ? xia2   ? ? ? .                  2 
? 'data scaling'   ? ? ? ? ? ? ? ? ? ? ? xia2   ? ? ? .                  3 
? phasing          ? ? ? ? ? ? ? ? ? ? ? PHASER ? ? ? .                  4 
# 
_cell.angle_alpha                  90.00 
_cell.angle_alpha_esd              ? 
_cell.angle_beta                   90.00 
_cell.angle_beta_esd               ? 
_cell.angle_gamma                  120.00 
_cell.angle_gamma_esd              ? 
_cell.entry_id                     6Q8V 
_cell.details                      ? 
_cell.formula_units_Z              ? 
_cell.length_a                     70.660 
_cell.length_a_esd                 ? 
_cell.length_b                     70.660 
_cell.length_b_esd                 ? 
_cell.length_c                     48.530 
_cell.length_c_esd                 ? 
_cell.volume                       ? 
_cell.volume_esd                   ? 
_cell.Z_PDB                        12 
_cell.reciprocal_angle_alpha       ? 
_cell.reciprocal_angle_beta        ? 
_cell.reciprocal_angle_gamma       ? 
_cell.reciprocal_angle_alpha_esd   ? 
_cell.reciprocal_angle_beta_esd    ? 
_cell.reciprocal_angle_gamma_esd   ? 
_cell.reciprocal_length_a          ? 
_cell.reciprocal_length_b          ? 
_cell.reciprocal_length_c          ? 
_cell.reciprocal_length_a_esd      ? 
_cell.reciprocal_length_b_esd      ? 
_cell.reciprocal_length_c_esd      ? 
_cell.pdbx_unique_axis             ? 
# 
_symmetry.entry_id                         6Q8V 
_symmetry.cell_setting                     ? 
_symmetry.Int_Tables_number                182 
_symmetry.space_group_name_Hall            ? 
_symmetry.space_group_name_H-M             'P 63 2 2' 
_symmetry.pdbx_full_space_group_name_H-M   ? 
# 
_exptl.absorpt_coefficient_mu     ? 
_exptl.absorpt_correction_T_max   ? 
_exptl.absorpt_correction_T_min   ? 
_exptl.absorpt_correction_type    ? 
_exptl.absorpt_process_details    ? 
_exptl.entry_id                   6Q8V 
_exptl.crystals_number            1 
_exptl.details                    ? 
_exptl.method                     'X-RAY DIFFRACTION' 
_exptl.method_details             ? 
# 
_exptl_crystal.colour                      ? 
_exptl_crystal.density_diffrn              ? 
_exptl_crystal.density_Matthews            2.80 
_exptl_crystal.density_method              ? 
_exptl_crystal.density_percent_sol         56.05 
_exptl_crystal.description                 ? 
_exptl_crystal.F_000                       ? 
_exptl_crystal.id                          1 
_exptl_crystal.preparation                 ? 
_exptl_crystal.size_max                    ? 
_exptl_crystal.size_mid                    ? 
_exptl_crystal.size_min                    ? 
_exptl_crystal.size_rad                    ? 
_exptl_crystal.colour_lustre               ? 
_exptl_crystal.colour_modifier             ? 
_exptl_crystal.colour_primary              ? 
_exptl_crystal.density_meas                ? 
_exptl_crystal.density_meas_esd            ? 
_exptl_crystal.density_meas_gt             ? 
_exptl_crystal.density_meas_lt             ? 
_exptl_crystal.density_meas_temp           ? 
_exptl_crystal.density_meas_temp_esd       ? 
_exptl_crystal.density_meas_temp_gt        ? 
_exptl_crystal.density_meas_temp_lt        ? 
_exptl_crystal.pdbx_crystal_image_url      ? 
_exptl_crystal.pdbx_crystal_image_format   ? 
_exptl_crystal.pdbx_mosaicity              ? 
_exptl_crystal.pdbx_mosaicity_esd          ? 
# 
_exptl_crystal_grow.apparatus       ? 
_exptl_crystal_grow.atmosphere      ? 
_exptl_crystal_grow.crystal_id      1 
_exptl_crystal_grow.details         ? 
_exptl_crystal_grow.method          'VAPOR DIFFUSION, HANGING DROP' 
_exptl_crystal_grow.method_ref      ? 
_exptl_crystal_grow.pH              7.0 
_exptl_crystal_grow.pressure        ? 
_exptl_crystal_grow.pressure_esd    ? 
_exptl_crystal_grow.seeding         ? 
_exptl_crystal_grow.seeding_ref     ? 
_exptl_crystal_grow.temp            290 
_exptl_crystal_grow.temp_details    ? 
_exptl_crystal_grow.temp_esd        ? 
_exptl_crystal_grow.time            ? 
_exptl_crystal_grow.pdbx_details    
;0.1 M Potassium chloride,
0.002 M Spermine tetrahydrochloride,
0.05 M Bis-Tris 7.0,
15 % w/v PEG 2000 MME
;
_exptl_crystal_grow.pdbx_pH_range   ? 
# 
_diffrn.ambient_environment              ? 
_diffrn.ambient_temp                     100 
_diffrn.ambient_temp_details             ? 
_diffrn.ambient_temp_esd                 ? 
_diffrn.crystal_id                       1 
_diffrn.crystal_support                  ? 
_diffrn.crystal_treatment                ? 
_diffrn.details                          ? 
_diffrn.id                               1 
_diffrn.ambient_pressure                 ? 
_diffrn.ambient_pressure_esd             ? 
_diffrn.ambient_pressure_gt              ? 
_diffrn.ambient_pressure_lt              ? 
_diffrn.ambient_temp_gt                  ? 
_diffrn.ambient_temp_lt                  ? 
_diffrn.pdbx_serial_crystal_experiment   N 
# 
_diffrn_detector.details                      ? 
_diffrn_detector.detector                     PIXEL 
_diffrn_detector.diffrn_id                    1 
_diffrn_detector.type                         'DECTRIS PILATUS3 6M' 
_diffrn_detector.area_resol_mean              ? 
_diffrn_detector.dtime                        ? 
_diffrn_detector.pdbx_frames_total            ? 
_diffrn_detector.pdbx_collection_time_total   ? 
_diffrn_detector.pdbx_collection_date         2017-05-14 
_diffrn_detector.pdbx_frequency               ? 
# 
_diffrn_radiation.collimation                      ? 
_diffrn_radiation.diffrn_id                        1 
_diffrn_radiation.filter_edge                      ? 
_diffrn_radiation.inhomogeneity                    ? 
_diffrn_radiation.monochromator                    ? 
_diffrn_radiation.polarisn_norm                    ? 
_diffrn_radiation.polarisn_ratio                   ? 
_diffrn_radiation.probe                            ? 
_diffrn_radiation.type                             ? 
_diffrn_radiation.xray_symbol                      ? 
_diffrn_radiation.wavelength_id                    1 
_diffrn_radiation.pdbx_monochromatic_or_laue_m_l   M 
_diffrn_radiation.pdbx_wavelength_list             ? 
_diffrn_radiation.pdbx_wavelength                  ? 
_diffrn_radiation.pdbx_diffrn_protocol             'SINGLE WAVELENGTH' 
_diffrn_radiation.pdbx_analyzer                    ? 
_diffrn_radiation.pdbx_scattering_type             x-ray 
# 
_diffrn_radiation_wavelength.id           1 
_diffrn_radiation_wavelength.wavelength   0.9197 
_diffrn_radiation_wavelength.wt           1.0 
# 
_diffrn_source.current                     ? 
_diffrn_source.details                     ? 
_diffrn_source.diffrn_id                   1 
_diffrn_source.power                       ? 
_diffrn_source.size                        ? 
_diffrn_source.source                      SYNCHROTRON 
_diffrn_source.target                      ? 
_diffrn_source.type                        'DIAMOND BEAMLINE I03' 
_diffrn_source.voltage                     ? 
_diffrn_source.take-off_angle              ? 
_diffrn_source.pdbx_wavelength_list        0.9197 
_diffrn_source.pdbx_wavelength             ? 
_diffrn_source.pdbx_synchrotron_beamline   I03 
_diffrn_source.pdbx_synchrotron_site       Diamond 
# 
_reflns.B_iso_Wilson_estimate            ? 
_reflns.entry_id                         6Q8V 
_reflns.data_reduction_details           ? 
_reflns.data_reduction_method            ? 
_reflns.d_resolution_high                2.09 
_reflns.d_resolution_low                 35.33 
_reflns.details                          ? 
_reflns.limit_h_max                      ? 
_reflns.limit_h_min                      ? 
_reflns.limit_k_max                      ? 
_reflns.limit_k_min                      ? 
_reflns.limit_l_max                      ? 
_reflns.limit_l_min                      ? 
_reflns.number_all                       ? 
_reflns.number_obs                       4521 
_reflns.observed_criterion               ? 
_reflns.observed_criterion_F_max         ? 
_reflns.observed_criterion_F_min         ? 
_reflns.observed_criterion_I_max         ? 
_reflns.observed_criterion_I_min         ? 
_reflns.observed_criterion_sigma_F       ? 
_reflns.observed_criterion_sigma_I       1.4 
_reflns.percent_possible_obs             99 
_reflns.R_free_details                   ? 
_reflns.Rmerge_F_all                     ? 
_reflns.Rmerge_F_obs                     ? 
_reflns.Friedel_coverage                 ? 
_reflns.number_gt                        ? 
_reflns.threshold_expression             ? 
_reflns.pdbx_redundancy                  12.1 
_reflns.pdbx_Rmerge_I_obs                0.036 
_reflns.pdbx_Rmerge_I_all                ? 
_reflns.pdbx_Rsym_value                  ? 
_reflns.pdbx_netI_over_av_sigmaI         ? 
_reflns.pdbx_netI_over_sigmaI            29.7 
_reflns.pdbx_res_netI_over_av_sigmaI_2   ? 
_reflns.pdbx_res_netI_over_sigmaI_2      ? 
_reflns.pdbx_chi_squared                 ? 
_reflns.pdbx_scaling_rejects             ? 
_reflns.pdbx_d_res_high_opt              ? 
_reflns.pdbx_d_res_low_opt               ? 
_reflns.pdbx_d_res_opt_method            ? 
_reflns.phase_calculation_details        ? 
_reflns.pdbx_Rrim_I_all                  ? 
_reflns.pdbx_Rpim_I_all                  0.011 
_reflns.pdbx_d_opt                       ? 
_reflns.pdbx_number_measured_all         ? 
_reflns.pdbx_diffrn_id                   1 
_reflns.pdbx_ordinal                     1 
_reflns.pdbx_CC_half                     1 
_reflns.pdbx_R_split                     ? 
# 
_reflns_shell.d_res_high                  2.09 
_reflns_shell.d_res_low                   2.13 
_reflns_shell.meanI_over_sigI_all         ? 
_reflns_shell.meanI_over_sigI_obs         ? 
_reflns_shell.number_measured_all         ? 
_reflns_shell.number_measured_obs         ? 
_reflns_shell.number_possible             ? 
_reflns_shell.number_unique_all           ? 
_reflns_shell.number_unique_obs           218 
_reflns_shell.percent_possible_all        100 
_reflns_shell.percent_possible_obs        ? 
_reflns_shell.Rmerge_F_all                ? 
_reflns_shell.Rmerge_F_obs                ? 
_reflns_shell.Rmerge_I_all                ? 
_reflns_shell.Rmerge_I_obs                2.28 
_reflns_shell.meanI_over_sigI_gt          ? 
_reflns_shell.meanI_over_uI_all           ? 
_reflns_shell.meanI_over_uI_gt            ? 
_reflns_shell.number_measured_gt          ? 
_reflns_shell.number_unique_gt            ? 
_reflns_shell.percent_possible_gt         ? 
_reflns_shell.Rmerge_F_gt                 ? 
_reflns_shell.Rmerge_I_gt                 ? 
_reflns_shell.pdbx_redundancy             12.2 
_reflns_shell.pdbx_Rsym_value             ? 
_reflns_shell.pdbx_chi_squared            ? 
_reflns_shell.pdbx_netI_over_sigmaI_all   ? 
_reflns_shell.pdbx_netI_over_sigmaI_obs   ? 
_reflns_shell.pdbx_Rrim_I_all             ? 
_reflns_shell.pdbx_Rpim_I_all             0.67 
_reflns_shell.pdbx_rejects                ? 
_reflns_shell.pdbx_ordinal                1 
_reflns_shell.pdbx_diffrn_id              1 
_reflns_shell.pdbx_CC_half                0.67 
_reflns_shell.pdbx_R_split                ? 
# 
_refine.aniso_B[1][1]                            ? 
_refine.aniso_B[1][2]                            ? 
_refine.aniso_B[1][3]                            ? 
_refine.aniso_B[2][2]                            ? 
_refine.aniso_B[2][3]                            ? 
_refine.aniso_B[3][3]                            ? 
_refine.B_iso_max                                ? 
_refine.B_iso_mean                               ? 
_refine.B_iso_min                                ? 
_refine.correlation_coeff_Fo_to_Fc               ? 
_refine.correlation_coeff_Fo_to_Fc_free          ? 
_refine.details                                  ? 
_refine.diff_density_max                         ? 
_refine.diff_density_max_esd                     ? 
_refine.diff_density_min                         ? 
_refine.diff_density_min_esd                     ? 
_refine.diff_density_rms                         ? 
_refine.diff_density_rms_esd                     ? 
_refine.entry_id                                 6Q8V 
_refine.pdbx_refine_id                           'X-RAY DIFFRACTION' 
_refine.ls_abs_structure_details                 ? 
_refine.ls_abs_structure_Flack                   ? 
_refine.ls_abs_structure_Flack_esd               ? 
_refine.ls_abs_structure_Rogers                  ? 
_refine.ls_abs_structure_Rogers_esd              ? 
_refine.ls_d_res_high                            2.090 
_refine.ls_d_res_low                             35.330 
_refine.ls_extinction_coef                       ? 
_refine.ls_extinction_coef_esd                   ? 
_refine.ls_extinction_expression                 ? 
_refine.ls_extinction_method                     ? 
_refine.ls_goodness_of_fit_all                   ? 
_refine.ls_goodness_of_fit_all_esd               ? 
_refine.ls_goodness_of_fit_obs                   ? 
_refine.ls_goodness_of_fit_obs_esd               ? 
_refine.ls_hydrogen_treatment                    ? 
_refine.ls_matrix_type                           ? 
_refine.ls_number_constraints                    ? 
_refine.ls_number_parameters                     ? 
_refine.ls_number_reflns_all                     ? 
_refine.ls_number_reflns_obs                     4511 
_refine.ls_number_reflns_R_free                  214 
_refine.ls_number_reflns_R_work                  ? 
_refine.ls_number_restraints                     ? 
_refine.ls_percent_reflns_obs                    98.80 
_refine.ls_percent_reflns_R_free                 4.74 
_refine.ls_R_factor_all                          ? 
_refine.ls_R_factor_obs                          0.2057 
_refine.ls_R_factor_R_free                       0.2107 
_refine.ls_R_factor_R_free_error                 ? 
_refine.ls_R_factor_R_free_error_details         ? 
_refine.ls_R_factor_R_work                       0.2054 
_refine.ls_R_Fsqd_factor_obs                     ? 
_refine.ls_R_I_factor_obs                        ? 
_refine.ls_redundancy_reflns_all                 ? 
_refine.ls_redundancy_reflns_obs                 ? 
_refine.ls_restrained_S_all                      ? 
_refine.ls_restrained_S_obs                      ? 
_refine.ls_shift_over_esd_max                    ? 
_refine.ls_shift_over_esd_mean                   ? 
_refine.ls_structure_factor_coef                 ? 
_refine.ls_weighting_details                     ? 
_refine.ls_weighting_scheme                      ? 
_refine.ls_wR_factor_all                         ? 
_refine.ls_wR_factor_obs                         ? 
_refine.ls_wR_factor_R_free                      ? 
_refine.ls_wR_factor_R_work                      ? 
_refine.occupancy_max                            ? 
_refine.occupancy_min                            ? 
_refine.solvent_model_details                    ? 
_refine.solvent_model_param_bsol                 ? 
_refine.solvent_model_param_ksol                 ? 
_refine.ls_R_factor_gt                           ? 
_refine.ls_goodness_of_fit_gt                    ? 
_refine.ls_goodness_of_fit_ref                   ? 
_refine.ls_shift_over_su_max                     ? 
_refine.ls_shift_over_su_max_lt                  ? 
_refine.ls_shift_over_su_mean                    ? 
_refine.ls_shift_over_su_mean_lt                 ? 
_refine.pdbx_ls_sigma_I                          ? 
_refine.pdbx_ls_sigma_F                          1.34 
_refine.pdbx_ls_sigma_Fsqd                       ? 
_refine.pdbx_data_cutoff_high_absF               ? 
_refine.pdbx_data_cutoff_high_rms_absF           ? 
_refine.pdbx_data_cutoff_low_absF                ? 
_refine.pdbx_isotropic_thermal_model             ? 
_refine.pdbx_ls_cross_valid_method               'FREE R-VALUE' 
_refine.pdbx_method_to_determine_struct          'MOLECULAR REPLACEMENT' 
_refine.pdbx_starting_model                      4cs1 
_refine.pdbx_stereochemistry_target_values       ? 
_refine.pdbx_R_Free_selection_details            ? 
_refine.pdbx_stereochem_target_val_spec_case     ? 
_refine.pdbx_overall_ESU_R                       ? 
_refine.pdbx_overall_ESU_R_Free                  ? 
_refine.pdbx_solvent_vdw_probe_radii             1.11 
_refine.pdbx_solvent_ion_probe_radii             ? 
_refine.pdbx_solvent_shrinkage_radii             0.90 
_refine.pdbx_real_space_R                        ? 
_refine.pdbx_density_correlation                 ? 
_refine.pdbx_pd_number_of_powder_patterns        ? 
_refine.pdbx_pd_number_of_points                 ? 
_refine.pdbx_pd_meas_number_of_points            ? 
_refine.pdbx_pd_proc_ls_prof_R_factor            ? 
_refine.pdbx_pd_proc_ls_prof_wR_factor           ? 
_refine.pdbx_pd_Marquardt_correlation_coeff      ? 
_refine.pdbx_pd_Fsqrd_R_factor                   ? 
_refine.pdbx_pd_ls_matrix_band_width             ? 
_refine.pdbx_overall_phase_error                 29.03 
_refine.pdbx_overall_SU_R_free_Cruickshank_DPI   ? 
_refine.pdbx_overall_SU_R_free_Blow_DPI          ? 
_refine.pdbx_overall_SU_R_Blow_DPI               ? 
_refine.pdbx_TLS_residual_ADP_flag               ? 
_refine.pdbx_diffrn_id                           1 
_refine.overall_SU_B                             ? 
_refine.overall_SU_ML                            0.34 
_refine.overall_SU_R_Cruickshank_DPI             ? 
_refine.overall_SU_R_free                        ? 
_refine.overall_FOM_free_R_set                   ? 
_refine.overall_FOM_work_R_set                   ? 
_refine.pdbx_average_fsc_overall                 ? 
_refine.pdbx_average_fsc_work                    ? 
_refine.pdbx_average_fsc_free                    ? 
# 
_refine_hist.pdbx_refine_id                   'X-RAY DIFFRACTION' 
_refine_hist.cycle_id                         LAST 
_refine_hist.pdbx_number_atoms_protein        0 
_refine_hist.pdbx_number_atoms_nucleic_acid   415 
_refine_hist.pdbx_number_atoms_ligand         0 
_refine_hist.number_atoms_solvent             1 
_refine_hist.number_atoms_total               416 
_refine_hist.d_res_high                       2.090 
_refine_hist.d_res_low                        35.330 
# 
loop_
_refine_ls_restr.pdbx_refine_id 
_refine_ls_restr.criterion 
_refine_ls_restr.dev_ideal 
_refine_ls_restr.dev_ideal_target 
_refine_ls_restr.number 
_refine_ls_restr.rejects 
_refine_ls_restr.type 
_refine_ls_restr.weight 
_refine_ls_restr.pdbx_restraint_function 
'X-RAY DIFFRACTION' ? 0.005  ? 465 ? f_bond_d           ? ? 
'X-RAY DIFFRACTION' ? 1.004  ? 723 ? f_angle_d          ? ? 
'X-RAY DIFFRACTION' ? 13.244 ? 213 ? f_dihedral_angle_d ? ? 
'X-RAY DIFFRACTION' ? 0.040  ? 93  ? f_chiral_restr     ? ? 
'X-RAY DIFFRACTION' ? 0.007  ? 19  ? f_plane_restr      ? ? 
# 
loop_
_refine_ls_shell.pdbx_refine_id 
_refine_ls_shell.d_res_high 
_refine_ls_shell.d_res_low 
_refine_ls_shell.number_reflns_all 
_refine_ls_shell.number_reflns_obs 
_refine_ls_shell.number_reflns_R_free 
_refine_ls_shell.number_reflns_R_work 
_refine_ls_shell.percent_reflns_obs 
_refine_ls_shell.percent_reflns_R_free 
_refine_ls_shell.R_factor_all 
_refine_ls_shell.R_factor_obs 
_refine_ls_shell.R_factor_R_free 
_refine_ls_shell.R_factor_R_free_error 
_refine_ls_shell.R_factor_R_work 
_refine_ls_shell.redundancy_reflns_all 
_refine_ls_shell.redundancy_reflns_obs 
_refine_ls_shell.wR_factor_all 
_refine_ls_shell.wR_factor_obs 
_refine_ls_shell.wR_factor_R_free 
_refine_ls_shell.wR_factor_R_work 
_refine_ls_shell.pdbx_total_number_of_bins_used 
_refine_ls_shell.pdbx_phase_error 
_refine_ls_shell.pdbx_fsc_work 
_refine_ls_shell.pdbx_fsc_free 
'X-RAY DIFFRACTION' 2.0902 2.6333  . . 109 2080 99.00 . . . 0.3847 . 0.3393 . . . . . . . . . . 
'X-RAY DIFFRACTION' 2.6333 35.3350 . . 105 2217 98.00 . . . 0.1903 . 0.1912 . . . . . . . . . . 
# 
_struct.entry_id                     6Q8V 
_struct.title                        'Structure of the standard kink turn HmKt-7 variant A2bm6A.' 
_struct.pdbx_model_details           ? 
_struct.pdbx_formula_weight          ? 
_struct.pdbx_formula_weight_method   ? 
_struct.pdbx_model_type_details      ? 
_struct.pdbx_CASP_flag               N 
# 
_struct_keywords.entry_id        6Q8V 
_struct_keywords.text            'Gene regulation; RNA structure; kink-turn; X-ray crystallography; RNA modification, RNA' 
_struct_keywords.pdbx_keywords   RNA 
# 
loop_
_struct_asym.id 
_struct_asym.pdbx_blank_PDB_chainid_flag 
_struct_asym.pdbx_modified 
_struct_asym.entity_id 
_struct_asym.details 
A N N 1 ? 
B N N 2 ? 
# 
_struct_ref.id                         1 
_struct_ref.db_name                    PDB 
_struct_ref.db_code                    6Q8V 
_struct_ref.pdbx_db_accession          6Q8V 
_struct_ref.pdbx_db_isoform            ? 
_struct_ref.entity_id                  1 
_struct_ref.pdbx_seq_one_letter_code   ? 
_struct_ref.pdbx_align_begin           1 
# 
_struct_ref_seq.align_id                      1 
_struct_ref_seq.ref_id                        1 
_struct_ref_seq.pdbx_PDB_id_code              6Q8V 
_struct_ref_seq.pdbx_strand_id                A 
_struct_ref_seq.seq_align_beg                 1 
_struct_ref_seq.pdbx_seq_align_beg_ins_code   ? 
_struct_ref_seq.seq_align_end                 19 
_struct_ref_seq.pdbx_seq_align_end_ins_code   ? 
_struct_ref_seq.pdbx_db_accession             6Q8V 
_struct_ref_seq.db_align_beg                  1 
_struct_ref_seq.pdbx_db_align_beg_ins_code    ? 
_struct_ref_seq.db_align_end                  19 
_struct_ref_seq.pdbx_db_align_end_ins_code    ? 
_struct_ref_seq.pdbx_auth_seq_align_beg       1 
_struct_ref_seq.pdbx_auth_seq_align_end       19 
# 
_pdbx_struct_assembly.id                   1 
_pdbx_struct_assembly.details              author_and_software_defined_assembly 
_pdbx_struct_assembly.method_details       PISA 
_pdbx_struct_assembly.oligomeric_details   monomeric 
_pdbx_struct_assembly.oligomeric_count     1 
# 
loop_
_pdbx_struct_assembly_prop.biol_id 
_pdbx_struct_assembly_prop.type 
_pdbx_struct_assembly_prop.value 
_pdbx_struct_assembly_prop.details 
1 'ABSA (A^2)' 640  ? 
1 MORE         5    ? 
1 'SSA (A^2)'  3440 ? 
# 
_pdbx_struct_assembly_gen.assembly_id       1 
_pdbx_struct_assembly_gen.oper_expression   1 
_pdbx_struct_assembly_gen.asym_id_list      A,B 
# 
_pdbx_struct_assembly_auth_evidence.id                     1 
_pdbx_struct_assembly_auth_evidence.assembly_id            1 
_pdbx_struct_assembly_auth_evidence.experimental_support   none 
_pdbx_struct_assembly_auth_evidence.details                ? 
# 
_pdbx_struct_oper_list.id                   1 
_pdbx_struct_oper_list.type                 'identity operation' 
_pdbx_struct_oper_list.name                 1_555 
_pdbx_struct_oper_list.symmetry_operation   x,y,z 
_pdbx_struct_oper_list.matrix[1][1]         1.0000000000 
_pdbx_struct_oper_list.matrix[1][2]         0.0000000000 
_pdbx_struct_oper_list.matrix[1][3]         0.0000000000 
_pdbx_struct_oper_list.vector[1]            0.0000000000 
_pdbx_struct_oper_list.matrix[2][1]         0.0000000000 
_pdbx_struct_oper_list.matrix[2][2]         1.0000000000 
_pdbx_struct_oper_list.matrix[2][3]         0.0000000000 
_pdbx_struct_oper_list.vector[2]            0.0000000000 
_pdbx_struct_oper_list.matrix[3][1]         0.0000000000 
_pdbx_struct_oper_list.matrix[3][2]         0.0000000000 
_pdbx_struct_oper_list.matrix[3][3]         1.0000000000 
_pdbx_struct_oper_list.vector[3]            0.0000000000 
# 
loop_
_struct_conn.id 
_struct_conn.conn_type_id 
_struct_conn.pdbx_leaving_atom_flag 
_struct_conn.pdbx_PDB_id 
_struct_conn.ptnr1_label_asym_id 
_struct_conn.ptnr1_label_comp_id 
_struct_conn.ptnr1_label_seq_id 
_struct_conn.ptnr1_label_atom_id 
_struct_conn.pdbx_ptnr1_label_alt_id 
_struct_conn.pdbx_ptnr1_PDB_ins_code 
_struct_conn.pdbx_ptnr1_standard_comp_id 
_struct_conn.ptnr1_symmetry 
_struct_conn.ptnr2_label_asym_id 
_struct_conn.ptnr2_label_comp_id 
_struct_conn.ptnr2_label_seq_id 
_struct_conn.ptnr2_label_atom_id 
_struct_conn.pdbx_ptnr2_label_alt_id 
_struct_conn.pdbx_ptnr2_PDB_ins_code 
_struct_conn.ptnr1_auth_asym_id 
_struct_conn.ptnr1_auth_comp_id 
_struct_conn.ptnr1_auth_seq_id 
_struct_conn.ptnr2_auth_asym_id 
_struct_conn.ptnr2_auth_comp_id 
_struct_conn.ptnr2_auth_seq_id 
_struct_conn.ptnr2_symmetry 
_struct_conn.pdbx_ptnr3_label_atom_id 
_struct_conn.pdbx_ptnr3_label_seq_id 
_struct_conn.pdbx_ptnr3_label_comp_id 
_struct_conn.pdbx_ptnr3_label_asym_id 
_struct_conn.pdbx_ptnr3_label_alt_id 
_struct_conn.pdbx_ptnr3_PDB_ins_code 
_struct_conn.details 
_struct_conn.pdbx_dist_value 
_struct_conn.pdbx_value_order 
_struct_conn.pdbx_role 
covale1  covale both ? A G   7  "O3'" ? ? ? 1_555 A 6MZ 8  P  ? ? A G   7  A 6MZ 8  1_555 ? ? ? ? ? ? ?             1.605 ? ? 
covale2  covale both ? A 6MZ 8  "O3'" ? ? ? 1_555 A A   9  P  ? ? A 6MZ 8  A A   9  1_555 ? ? ? ? ? ? ?             1.605 ? ? 
hydrog1  hydrog ?    ? A G   1  N1    ? ? ? 1_555 A C   19 N3 ? ? A G   1  A C   19 1_555 ? ? ? ? ? ? WATSON-CRICK  ?     ? ? 
hydrog2  hydrog ?    ? A G   1  N2    ? ? ? 1_555 A C   19 O2 ? ? A G   1  A C   19 1_555 ? ? ? ? ? ? WATSON-CRICK  ?     ? ? 
hydrog3  hydrog ?    ? A G   1  O6    ? ? ? 1_555 A C   19 N4 ? ? A G   1  A C   19 1_555 ? ? ? ? ? ? WATSON-CRICK  ?     ? ? 
hydrog4  hydrog ?    ? A G   2  N1    ? ? ? 1_555 A C   18 N3 ? ? A G   2  A C   18 1_555 ? ? ? ? ? ? WATSON-CRICK  ?     ? ? 
hydrog5  hydrog ?    ? A G   2  N2    ? ? ? 1_555 A C   18 O2 ? ? A G   2  A C   18 1_555 ? ? ? ? ? ? WATSON-CRICK  ?     ? ? 
hydrog6  hydrog ?    ? A G   2  O6    ? ? ? 1_555 A C   18 N4 ? ? A G   2  A C   18 1_555 ? ? ? ? ? ? WATSON-CRICK  ?     ? ? 
hydrog7  hydrog ?    ? A C   3  N3    ? ? ? 1_555 A G   17 N1 ? ? A C   3  A G   17 1_555 ? ? ? ? ? ? WATSON-CRICK  ?     ? ? 
hydrog8  hydrog ?    ? A C   3  N4    ? ? ? 1_555 A G   17 O6 ? ? A C   3  A G   17 1_555 ? ? ? ? ? ? WATSON-CRICK  ?     ? ? 
hydrog9  hydrog ?    ? A C   3  O2    ? ? ? 1_555 A G   17 N2 ? ? A C   3  A G   17 1_555 ? ? ? ? ? ? WATSON-CRICK  ?     ? ? 
hydrog10 hydrog ?    ? A G   4  N2    ? ? ? 1_555 A A   16 N3 ? ? A G   4  A A   16 1_555 ? ? ? ? ? ? 'G-A MISPAIR' ?     ? ? 
hydrog11 hydrog ?    ? A G   7  N2    ? ? ? 1_555 A A   16 N7 ? ? A G   7  A A   16 1_555 ? ? ? ? ? ? TYPE_11_PAIR  ?     ? ? 
hydrog12 hydrog ?    ? A G   7  N3    ? ? ? 1_555 A A   16 N6 ? ? A G   7  A A   16 1_555 ? ? ? ? ? ? TYPE_11_PAIR  ?     ? ? 
hydrog13 hydrog ?    ? A 6MZ 8  N6    ? ? ? 1_555 A G   15 N3 ? ? A 6MZ 8  A G   15 1_555 ? ? ? ? ? ? TYPE_11_PAIR  ?     ? ? 
hydrog14 hydrog ?    ? A 6MZ 8  N7    ? ? ? 1_555 A G   15 N2 ? ? A 6MZ 8  A G   15 1_555 ? ? ? ? ? ? TYPE_11_PAIR  ?     ? ? 
hydrog15 hydrog ?    ? A A   9  N6    ? ? ? 1_555 A G   14 N3 ? ? A A   9  A G   14 1_555 ? ? ? ? ? ? TYPE_11_PAIR  ?     ? ? 
hydrog16 hydrog ?    ? A A   9  N7    ? ? ? 1_555 A G   14 N2 ? ? A A   9  A G   14 1_555 ? ? ? ? ? ? TYPE_11_PAIR  ?     ? ? 
hydrog17 hydrog ?    ? A C   10 N3    ? ? ? 1_555 A G   13 N1 ? ? A C   10 A G   13 1_555 ? ? ? ? ? ? WATSON-CRICK  ?     ? ? 
hydrog18 hydrog ?    ? A C   10 N4    ? ? ? 1_555 A G   13 O6 ? ? A C   10 A G   13 1_555 ? ? ? ? ? ? WATSON-CRICK  ?     ? ? 
hydrog19 hydrog ?    ? A C   10 O2    ? ? ? 1_555 A G   13 N2 ? ? A C   10 A G   13 1_555 ? ? ? ? ? ? WATSON-CRICK  ?     ? ? 
# 
loop_
_struct_conn_type.id 
_struct_conn_type.criteria 
_struct_conn_type.reference 
covale ? ? 
hydrog ? ? 
# 
_pdbx_validate_polymer_linkage.id               1 
_pdbx_validate_polymer_linkage.PDB_model_num    1 
_pdbx_validate_polymer_linkage.auth_atom_id_1   "O3'" 
_pdbx_validate_polymer_linkage.auth_asym_id_1   A 
_pdbx_validate_polymer_linkage.auth_comp_id_1   C 
_pdbx_validate_polymer_linkage.auth_seq_id_1    11 
_pdbx_validate_polymer_linkage.PDB_ins_code_1   ? 
_pdbx_validate_polymer_linkage.label_alt_id_1   ? 
_pdbx_validate_polymer_linkage.auth_atom_id_2   P 
_pdbx_validate_polymer_linkage.auth_asym_id_2   A 
_pdbx_validate_polymer_linkage.auth_comp_id_2   G 
_pdbx_validate_polymer_linkage.auth_seq_id_2    12 
_pdbx_validate_polymer_linkage.PDB_ins_code_2   ? 
_pdbx_validate_polymer_linkage.label_alt_id_2   ? 
_pdbx_validate_polymer_linkage.dist             17.19 
# 
loop_
_pdbx_refine_tls.pdbx_refine_id 
_pdbx_refine_tls.id 
_pdbx_refine_tls.details 
_pdbx_refine_tls.method 
_pdbx_refine_tls.origin_x 
_pdbx_refine_tls.origin_y 
_pdbx_refine_tls.origin_z 
_pdbx_refine_tls.T[1][1] 
_pdbx_refine_tls.T[2][2] 
_pdbx_refine_tls.T[3][3] 
_pdbx_refine_tls.T[1][2] 
_pdbx_refine_tls.T[1][3] 
_pdbx_refine_tls.T[2][3] 
_pdbx_refine_tls.L[1][1] 
_pdbx_refine_tls.L[2][2] 
_pdbx_refine_tls.L[3][3] 
_pdbx_refine_tls.L[1][2] 
_pdbx_refine_tls.L[1][3] 
_pdbx_refine_tls.L[2][3] 
_pdbx_refine_tls.S[1][1] 
_pdbx_refine_tls.S[1][2] 
_pdbx_refine_tls.S[1][3] 
_pdbx_refine_tls.S[2][1] 
_pdbx_refine_tls.S[2][2] 
_pdbx_refine_tls.S[2][3] 
_pdbx_refine_tls.S[3][1] 
_pdbx_refine_tls.S[3][2] 
_pdbx_refine_tls.S[3][3] 
'X-RAY DIFFRACTION' 1 ? refined -4.4029 7.2704  4.5621  0.8745 0.7302 0.8743 0.2219 -0.0916 0.2265  0.0720 1.0122 0.1904 0.0721 0.0928 0.1630 -0.3351 0.3039 0.1651  0.3052  0.3474 0.6954  -0.7371 -0.8376 0.3735 
'X-RAY DIFFRACTION' 2 ? refined 1.5717  -2.6284 -1.5543 0.9231 0.6503 0.7984 0.0836 -0.1066 -0.0079 2.0289 4.5901 2.0293 2.8082 0.7241 1.3578 0.0109  0.9663 -0.1204 -0.4954 0.2851 -0.5288 -0.7199 0.6087  0.4030  
# 
loop_
_pdbx_refine_tls_group.pdbx_refine_id 
_pdbx_refine_tls_group.id 
_pdbx_refine_tls_group.refine_tls_id 
_pdbx_refine_tls_group.beg_auth_asym_id 
_pdbx_refine_tls_group.beg_auth_seq_id 
_pdbx_refine_tls_group.beg_label_asym_id 
_pdbx_refine_tls_group.beg_label_seq_id 
_pdbx_refine_tls_group.end_auth_asym_id 
_pdbx_refine_tls_group.end_auth_seq_id 
_pdbx_refine_tls_group.end_label_asym_id 
_pdbx_refine_tls_group.end_label_seq_id 
_pdbx_refine_tls_group.selection 
_pdbx_refine_tls_group.selection_details 
'X-RAY DIFFRACTION' 1 1 ? ? ? ? ? ? ? ? ? 
;chain 'A' and (resid 1 through 5 )
;
'X-RAY DIFFRACTION' 2 2 ? ? ? ? ? ? ? ? ? 
;chain 'A' and (resid 6 through 19 )
;
# 
loop_
_chem_comp_atom.comp_id 
_chem_comp_atom.atom_id 
_chem_comp_atom.type_symbol 
_chem_comp_atom.pdbx_aromatic_flag 
_chem_comp_atom.pdbx_stereo_config 
_chem_comp_atom.pdbx_ordinal 
6MZ C2     C Y N 1   
6MZ C4     C Y N 2   
6MZ C5     C Y N 3   
6MZ O1P    O N N 4   
6MZ O2P    O N N 5   
6MZ N9     N Y N 6   
6MZ N3     N Y N 7   
6MZ N1     N Y N 8   
6MZ C6     C Y N 9   
6MZ N6     N N N 10  
6MZ C9     C N N 11  
6MZ N7     N Y N 12  
6MZ C8     C Y N 13  
6MZ "O5'"  O N N 14  
6MZ "C5'"  C N N 15  
6MZ "C4'"  C N R 16  
6MZ "O4'"  O N N 17  
6MZ "C1'"  C N R 18  
6MZ "C2'"  C N R 19  
6MZ "O2'"  O N N 20  
6MZ "C3'"  C N S 21  
6MZ "O3'"  O N N 22  
6MZ P      P N N 23  
6MZ O3P    O N N 24  
6MZ H2     H N N 25  
6MZ H1P    H N N 26  
6MZ H8     H N N 27  
6MZ "H1'"  H N N 28  
6MZ H9C1   H N N 29  
6MZ H9C2   H N N 30  
6MZ "H5'1" H N N 31  
6MZ "H5'2" H N N 32  
6MZ "H4'"  H N N 33  
6MZ "H3'"  H N N 34  
6MZ "H2'"  H N N 35  
6MZ HA     H N N 36  
6MZ HB     H N N 37  
6MZ H3P    H N N 38  
6MZ H6     H N N 39  
6MZ H9     H N N 40  
A   OP3    O N N 41  
A   P      P N N 42  
A   OP1    O N N 43  
A   OP2    O N N 44  
A   "O5'"  O N N 45  
A   "C5'"  C N N 46  
A   "C4'"  C N R 47  
A   "O4'"  O N N 48  
A   "C3'"  C N S 49  
A   "O3'"  O N N 50  
A   "C2'"  C N R 51  
A   "O2'"  O N N 52  
A   "C1'"  C N R 53  
A   N9     N Y N 54  
A   C8     C Y N 55  
A   N7     N Y N 56  
A   C5     C Y N 57  
A   C6     C Y N 58  
A   N6     N N N 59  
A   N1     N Y N 60  
A   C2     C Y N 61  
A   N3     N Y N 62  
A   C4     C Y N 63  
A   HOP3   H N N 64  
A   HOP2   H N N 65  
A   "H5'"  H N N 66  
A   "H5''" H N N 67  
A   "H4'"  H N N 68  
A   "H3'"  H N N 69  
A   "HO3'" H N N 70  
A   "H2'"  H N N 71  
A   "HO2'" H N N 72  
A   "H1'"  H N N 73  
A   H8     H N N 74  
A   H61    H N N 75  
A   H62    H N N 76  
A   H2     H N N 77  
C   OP3    O N N 78  
C   P      P N N 79  
C   OP1    O N N 80  
C   OP2    O N N 81  
C   "O5'"  O N N 82  
C   "C5'"  C N N 83  
C   "C4'"  C N R 84  
C   "O4'"  O N N 85  
C   "C3'"  C N S 86  
C   "O3'"  O N N 87  
C   "C2'"  C N R 88  
C   "O2'"  O N N 89  
C   "C1'"  C N R 90  
C   N1     N N N 91  
C   C2     C N N 92  
C   O2     O N N 93  
C   N3     N N N 94  
C   C4     C N N 95  
C   N4     N N N 96  
C   C5     C N N 97  
C   C6     C N N 98  
C   HOP3   H N N 99  
C   HOP2   H N N 100 
C   "H5'"  H N N 101 
C   "H5''" H N N 102 
C   "H4'"  H N N 103 
C   "H3'"  H N N 104 
C   "HO3'" H N N 105 
C   "H2'"  H N N 106 
C   "HO2'" H N N 107 
C   "H1'"  H N N 108 
C   H41    H N N 109 
C   H42    H N N 110 
C   H5     H N N 111 
C   H6     H N N 112 
G   OP3    O N N 113 
G   P      P N N 114 
G   OP1    O N N 115 
G   OP2    O N N 116 
G   "O5'"  O N N 117 
G   "C5'"  C N N 118 
G   "C4'"  C N R 119 
G   "O4'"  O N N 120 
G   "C3'"  C N S 121 
G   "O3'"  O N N 122 
G   "C2'"  C N R 123 
G   "O2'"  O N N 124 
G   "C1'"  C N R 125 
G   N9     N Y N 126 
G   C8     C Y N 127 
G   N7     N Y N 128 
G   C5     C Y N 129 
G   C6     C N N 130 
G   O6     O N N 131 
G   N1     N N N 132 
G   C2     C N N 133 
G   N2     N N N 134 
G   N3     N N N 135 
G   C4     C Y N 136 
G   HOP3   H N N 137 
G   HOP2   H N N 138 
G   "H5'"  H N N 139 
G   "H5''" H N N 140 
G   "H4'"  H N N 141 
G   "H3'"  H N N 142 
G   "HO3'" H N N 143 
G   "H2'"  H N N 144 
G   "HO2'" H N N 145 
G   "H1'"  H N N 146 
G   H8     H N N 147 
G   H1     H N N 148 
G   H21    H N N 149 
G   H22    H N N 150 
HOH O      O N N 151 
HOH H1     H N N 152 
HOH H2     H N N 153 
# 
loop_
_chem_comp_bond.comp_id 
_chem_comp_bond.atom_id_1 
_chem_comp_bond.atom_id_2 
_chem_comp_bond.value_order 
_chem_comp_bond.pdbx_aromatic_flag 
_chem_comp_bond.pdbx_stereo_config 
_chem_comp_bond.pdbx_ordinal 
6MZ C4    C5     sing Y N 1   
6MZ C4    N9     sing Y N 2   
6MZ C2    N3     sing Y N 3   
6MZ C4    N3     doub Y N 4   
6MZ C2    N1     doub Y N 5   
6MZ C5    C6     doub Y N 6   
6MZ N1    C6     sing Y N 7   
6MZ C6    N6     sing N N 8   
6MZ N6    C9     sing N N 9   
6MZ C5    N7     sing Y N 10  
6MZ N9    C8     sing Y N 11  
6MZ N7    C8     doub Y N 12  
6MZ "O5'" "C5'"  sing N N 13  
6MZ "C1'" "H1'"  sing N N 14  
6MZ C9    H9C1   sing N N 15  
6MZ C9    H9C2   sing N N 16  
6MZ "C5'" "H5'1" sing N N 17  
6MZ "C5'" "H5'2" sing N N 18  
6MZ "C4'" "H4'"  sing N N 19  
6MZ "C3'" "H3'"  sing N N 20  
6MZ "C2'" "H2'"  sing N N 21  
6MZ "O2'" HA     sing N N 22  
6MZ "O3'" HB     sing N N 23  
6MZ O3P   H3P    sing N N 24  
6MZ "C5'" "C4'"  sing N N 25  
6MZ "C4'" "O4'"  sing N N 26  
6MZ N9    "C1'"  sing N N 27  
6MZ "O4'" "C1'"  sing N N 28  
6MZ "C1'" "C2'"  sing N N 29  
6MZ "C2'" "O2'"  sing N N 30  
6MZ "C4'" "C3'"  sing N N 31  
6MZ "C2'" "C3'"  sing N N 32  
6MZ "C3'" "O3'"  sing N N 33  
6MZ O1P   P      sing N N 34  
6MZ O2P   P      doub N N 35  
6MZ "O5'" P      sing N N 36  
6MZ P     O3P    sing N N 37  
6MZ C2    H2     sing N N 38  
6MZ O1P   H1P    sing N N 39  
6MZ C8    H8     sing N N 40  
6MZ N6    H6     sing N N 41  
6MZ C9    H9     sing N N 42  
A   OP3   P      sing N N 43  
A   OP3   HOP3   sing N N 44  
A   P     OP1    doub N N 45  
A   P     OP2    sing N N 46  
A   P     "O5'"  sing N N 47  
A   OP2   HOP2   sing N N 48  
A   "O5'" "C5'"  sing N N 49  
A   "C5'" "C4'"  sing N N 50  
A   "C5'" "H5'"  sing N N 51  
A   "C5'" "H5''" sing N N 52  
A   "C4'" "O4'"  sing N N 53  
A   "C4'" "C3'"  sing N N 54  
A   "C4'" "H4'"  sing N N 55  
A   "O4'" "C1'"  sing N N 56  
A   "C3'" "O3'"  sing N N 57  
A   "C3'" "C2'"  sing N N 58  
A   "C3'" "H3'"  sing N N 59  
A   "O3'" "HO3'" sing N N 60  
A   "C2'" "O2'"  sing N N 61  
A   "C2'" "C1'"  sing N N 62  
A   "C2'" "H2'"  sing N N 63  
A   "O2'" "HO2'" sing N N 64  
A   "C1'" N9     sing N N 65  
A   "C1'" "H1'"  sing N N 66  
A   N9    C8     sing Y N 67  
A   N9    C4     sing Y N 68  
A   C8    N7     doub Y N 69  
A   C8    H8     sing N N 70  
A   N7    C5     sing Y N 71  
A   C5    C6     sing Y N 72  
A   C5    C4     doub Y N 73  
A   C6    N6     sing N N 74  
A   C6    N1     doub Y N 75  
A   N6    H61    sing N N 76  
A   N6    H62    sing N N 77  
A   N1    C2     sing Y N 78  
A   C2    N3     doub Y N 79  
A   C2    H2     sing N N 80  
A   N3    C4     sing Y N 81  
C   OP3   P      sing N N 82  
C   OP3   HOP3   sing N N 83  
C   P     OP1    doub N N 84  
C   P     OP2    sing N N 85  
C   P     "O5'"  sing N N 86  
C   OP2   HOP2   sing N N 87  
C   "O5'" "C5'"  sing N N 88  
C   "C5'" "C4'"  sing N N 89  
C   "C5'" "H5'"  sing N N 90  
C   "C5'" "H5''" sing N N 91  
C   "C4'" "O4'"  sing N N 92  
C   "C4'" "C3'"  sing N N 93  
C   "C4'" "H4'"  sing N N 94  
C   "O4'" "C1'"  sing N N 95  
C   "C3'" "O3'"  sing N N 96  
C   "C3'" "C2'"  sing N N 97  
C   "C3'" "H3'"  sing N N 98  
C   "O3'" "HO3'" sing N N 99  
C   "C2'" "O2'"  sing N N 100 
C   "C2'" "C1'"  sing N N 101 
C   "C2'" "H2'"  sing N N 102 
C   "O2'" "HO2'" sing N N 103 
C   "C1'" N1     sing N N 104 
C   "C1'" "H1'"  sing N N 105 
C   N1    C2     sing N N 106 
C   N1    C6     sing N N 107 
C   C2    O2     doub N N 108 
C   C2    N3     sing N N 109 
C   N3    C4     doub N N 110 
C   C4    N4     sing N N 111 
C   C4    C5     sing N N 112 
C   N4    H41    sing N N 113 
C   N4    H42    sing N N 114 
C   C5    C6     doub N N 115 
C   C5    H5     sing N N 116 
C   C6    H6     sing N N 117 
G   OP3   P      sing N N 118 
G   OP3   HOP3   sing N N 119 
G   P     OP1    doub N N 120 
G   P     OP2    sing N N 121 
G   P     "O5'"  sing N N 122 
G   OP2   HOP2   sing N N 123 
G   "O5'" "C5'"  sing N N 124 
G   "C5'" "C4'"  sing N N 125 
G   "C5'" "H5'"  sing N N 126 
G   "C5'" "H5''" sing N N 127 
G   "C4'" "O4'"  sing N N 128 
G   "C4'" "C3'"  sing N N 129 
G   "C4'" "H4'"  sing N N 130 
G   "O4'" "C1'"  sing N N 131 
G   "C3'" "O3'"  sing N N 132 
G   "C3'" "C2'"  sing N N 133 
G   "C3'" "H3'"  sing N N 134 
G   "O3'" "HO3'" sing N N 135 
G   "C2'" "O2'"  sing N N 136 
G   "C2'" "C1'"  sing N N 137 
G   "C2'" "H2'"  sing N N 138 
G   "O2'" "HO2'" sing N N 139 
G   "C1'" N9     sing N N 140 
G   "C1'" "H1'"  sing N N 141 
G   N9    C8     sing Y N 142 
G   N9    C4     sing Y N 143 
G   C8    N7     doub Y N 144 
G   C8    H8     sing N N 145 
G   N7    C5     sing Y N 146 
G   C5    C6     sing N N 147 
G   C5    C4     doub Y N 148 
G   C6    O6     doub N N 149 
G   C6    N1     sing N N 150 
G   N1    C2     sing N N 151 
G   N1    H1     sing N N 152 
G   C2    N2     sing N N 153 
G   C2    N3     doub N N 154 
G   N2    H21    sing N N 155 
G   N2    H22    sing N N 156 
G   N3    C4     sing N N 157 
HOH O     H1     sing N N 158 
HOH O     H2     sing N N 159 
# 
loop_
_ndb_struct_conf_na.entry_id 
_ndb_struct_conf_na.feature 
6Q8V 'double helix'        
6Q8V 'a-form double helix' 
6Q8V 'internal loop'       
6Q8V 'triple helix'        
# 
loop_
_ndb_struct_na_base_pair.model_number 
_ndb_struct_na_base_pair.i_label_asym_id 
_ndb_struct_na_base_pair.i_label_comp_id 
_ndb_struct_na_base_pair.i_label_seq_id 
_ndb_struct_na_base_pair.i_symmetry 
_ndb_struct_na_base_pair.j_label_asym_id 
_ndb_struct_na_base_pair.j_label_comp_id 
_ndb_struct_na_base_pair.j_label_seq_id 
_ndb_struct_na_base_pair.j_symmetry 
_ndb_struct_na_base_pair.shear 
_ndb_struct_na_base_pair.stretch 
_ndb_struct_na_base_pair.stagger 
_ndb_struct_na_base_pair.buckle 
_ndb_struct_na_base_pair.propeller 
_ndb_struct_na_base_pair.opening 
_ndb_struct_na_base_pair.pair_number 
_ndb_struct_na_base_pair.pair_name 
_ndb_struct_na_base_pair.i_auth_asym_id 
_ndb_struct_na_base_pair.i_auth_seq_id 
_ndb_struct_na_base_pair.i_PDB_ins_code 
_ndb_struct_na_base_pair.j_auth_asym_id 
_ndb_struct_na_base_pair.j_auth_seq_id 
_ndb_struct_na_base_pair.j_PDB_ins_code 
_ndb_struct_na_base_pair.hbond_type_28 
_ndb_struct_na_base_pair.hbond_type_12 
1 A G   1  1_555 A C 19 1_555 -0.077 -0.143 0.120  -1.647  -4.146  -2.649 1 A_G1:C19_A   A 1  ? A 19 ? 19 1  
1 A G   2  1_555 A C 18 1_555 -0.224 -0.281 0.127  -3.748  -11.791 -0.815 2 A_G2:C18_A   A 2  ? A 18 ? 19 1  
1 A C   3  1_555 A G 17 1_555 0.458  -0.299 0.044  -2.481  -4.003  1.820  3 A_C3:G17_A   A 3  ? A 17 ? 19 1  
1 A G   7  1_555 A A 16 1_555 6.395  -4.454 0.559  19.039  21.915  6.778  4 A_G7:A16_A   A 7  ? A 16 ? 11 9  
1 A 6MZ 8  1_555 A G 15 1_555 -6.832 -4.553 0.235  -29.552 8.771   -6.982 5 A_6MZ8:G15_A A 8  ? A 15 ? 11 10 
1 A A   9  1_555 A G 14 1_555 -6.667 -4.195 0.129  3.618   1.614   -0.652 6 A_A9:G14_A   A 9  ? A 14 ? 11 9  
1 A C   10 1_555 A G 13 1_555 -0.041 -0.396 -0.276 9.587   -13.001 2.381  7 A_C10:G13_A  A 10 ? A 13 ? 19 1  
# 
loop_
_ndb_struct_na_base_pair_step.model_number 
_ndb_struct_na_base_pair_step.i_label_asym_id_1 
_ndb_struct_na_base_pair_step.i_label_comp_id_1 
_ndb_struct_na_base_pair_step.i_label_seq_id_1 
_ndb_struct_na_base_pair_step.i_symmetry_1 
_ndb_struct_na_base_pair_step.j_label_asym_id_1 
_ndb_struct_na_base_pair_step.j_label_comp_id_1 
_ndb_struct_na_base_pair_step.j_label_seq_id_1 
_ndb_struct_na_base_pair_step.j_symmetry_1 
_ndb_struct_na_base_pair_step.i_label_asym_id_2 
_ndb_struct_na_base_pair_step.i_label_comp_id_2 
_ndb_struct_na_base_pair_step.i_label_seq_id_2 
_ndb_struct_na_base_pair_step.i_symmetry_2 
_ndb_struct_na_base_pair_step.j_label_asym_id_2 
_ndb_struct_na_base_pair_step.j_label_comp_id_2 
_ndb_struct_na_base_pair_step.j_label_seq_id_2 
_ndb_struct_na_base_pair_step.j_symmetry_2 
_ndb_struct_na_base_pair_step.shift 
_ndb_struct_na_base_pair_step.slide 
_ndb_struct_na_base_pair_step.rise 
_ndb_struct_na_base_pair_step.tilt 
_ndb_struct_na_base_pair_step.roll 
_ndb_struct_na_base_pair_step.twist 
_ndb_struct_na_base_pair_step.x_displacement 
_ndb_struct_na_base_pair_step.y_displacement 
_ndb_struct_na_base_pair_step.helical_rise 
_ndb_struct_na_base_pair_step.inclination 
_ndb_struct_na_base_pair_step.tip 
_ndb_struct_na_base_pair_step.helical_twist 
_ndb_struct_na_base_pair_step.step_number 
_ndb_struct_na_base_pair_step.step_name 
_ndb_struct_na_base_pair_step.i_auth_asym_id_1 
_ndb_struct_na_base_pair_step.i_auth_seq_id_1 
_ndb_struct_na_base_pair_step.i_PDB_ins_code_1 
_ndb_struct_na_base_pair_step.j_auth_asym_id_1 
_ndb_struct_na_base_pair_step.j_auth_seq_id_1 
_ndb_struct_na_base_pair_step.j_PDB_ins_code_1 
_ndb_struct_na_base_pair_step.i_auth_asym_id_2 
_ndb_struct_na_base_pair_step.i_auth_seq_id_2 
_ndb_struct_na_base_pair_step.i_PDB_ins_code_2 
_ndb_struct_na_base_pair_step.j_auth_asym_id_2 
_ndb_struct_na_base_pair_step.j_auth_seq_id_2 
_ndb_struct_na_base_pair_step.j_PDB_ins_code_2 
1 A G   1 1_555 A C 19 1_555 A G   2  1_555 A C 18 1_555 -0.304 -2.056 3.236 -2.113  2.344  33.473 -3.926 0.190   3.101 4.059  
3.658   33.617  1 AA_G1G2:C18C19_AA   A 1 ? A 19 ? A 2  ? A 18 ? 
1 A G   2 1_555 A C 18 1_555 A C   3  1_555 A G 17 1_555 0.223  -1.916 3.269 0.014   2.552  34.853 -3.569 -0.369  3.125 4.254  
-0.023  34.944  2 AA_G2C3:G17C18_AA   A 2 ? A 18 ? A 3  ? A 17 ? 
1 A G   7 1_555 A A 16 1_555 A 6MZ 8  1_555 A G 15 1_555 -1.601 -1.429 4.587 -8.949  -5.753 -6.379 13.884 -18.721 0.547 31.978 
-49.746 -12.400 3 AA_G76MZ8:G15A16_AA A 7 ? A 16 ? A 8  ? A 15 ? 
1 A 6MZ 8 1_555 A G 15 1_555 A A   9  1_555 A G 14 1_555 -0.593 -0.626 3.090 -15.074 0.342  26.204 -1.272 -1.918  2.976 0.687  
30.269  30.166  4 AA_6MZ8A9:G14G15_AA A 8 ? A 15 ? A 9  ? A 14 ? 
1 A A   9 1_555 A G 14 1_555 A C   10 1_555 A G 13 1_555 0.196  -0.747 3.149 -1.004  8.140  63.127 -1.047 -0.227  3.039 7.741  
0.954   63.603  5 AA_A9C10:G13G14_AA  A 9 ? A 14 ? A 10 ? A 13 ? 
# 
_pdbx_audit_support.funding_organization   'Cancer Research UK' 
_pdbx_audit_support.country                'United Kingdom' 
_pdbx_audit_support.grant_number           A18604 
_pdbx_audit_support.ordinal                1 
# 
_pdbx_initial_refinement_model.id               1 
_pdbx_initial_refinement_model.entity_id_list   ? 
_pdbx_initial_refinement_model.type             'experimental model' 
_pdbx_initial_refinement_model.source_name      PDB 
_pdbx_initial_refinement_model.accession_code   4CS1 
_pdbx_initial_refinement_model.details          ? 
# 
_atom_sites.entry_id                    6Q8V 
_atom_sites.fract_transf_matrix[1][1]   -0.00928247 
_atom_sites.fract_transf_matrix[1][2]   -0.01182239 
_atom_sites.fract_transf_matrix[1][3]   0.00641181 
_atom_sites.fract_transf_matrix[2][1]   0.00493005 
_atom_sites.fract_transf_matrix[2][2]   -0.01556335 
_atom_sites.fract_transf_matrix[2][3]   -0.00073339 
_atom_sites.fract_transf_matrix[3][1]   0.00966359 
_atom_sites.fract_transf_matrix[3][2]   0.00220990 
_atom_sites.fract_transf_matrix[3][3]   0.01806484 
_atom_sites.fract_transf_vector[1]      3.865100 
_atom_sites.fract_transf_vector[2]      1.255922 
_atom_sites.fract_transf_vector[3]      3.086055 
# 
loop_
_atom_type.symbol 
C 
N 
O 
P 
# 
loop_
_atom_site.group_PDB 
_atom_site.id 
_atom_site.type_symbol 
_atom_site.label_atom_id 
_atom_site.label_alt_id 
_atom_site.label_comp_id 
_atom_site.label_asym_id 
_atom_site.label_entity_id 
_atom_site.label_seq_id 
_atom_site.pdbx_PDB_ins_code 
_atom_site.Cartn_x 
_atom_site.Cartn_y 
_atom_site.Cartn_z 
_atom_site.occupancy 
_atom_site.B_iso_or_equiv 
_atom_site.pdbx_formal_charge 
_atom_site.auth_seq_id 
_atom_site.auth_comp_id 
_atom_site.auth_asym_id 
_atom_site.auth_atom_id 
_atom_site.pdbx_PDB_model_num 
ATOM   1   O "O5'" . G   A 1 1  ? -7.603  17.245  3.913   1.00 90.50  ? 1   G   A "O5'" 1 
ATOM   2   C "C5'" . G   A 1 1  ? -8.657  17.386  4.852   1.00 97.41  ? 1   G   A "C5'" 1 
ATOM   3   C "C4'" . G   A 1 1  ? -9.780  16.432  4.550   1.00 98.44  ? 1   G   A "C4'" 1 
ATOM   4   O "O4'" . G   A 1 1  ? -10.114 16.530  3.141   1.00 100.31 ? 1   G   A "O4'" 1 
ATOM   5   C "C3'" . G   A 1 1  ? -9.475  14.956  4.756   1.00 94.15  ? 1   G   A "C3'" 1 
ATOM   6   O "O3'" . G   A 1 1  ? -9.633  14.541  6.098   1.00 92.36  ? 1   G   A "O3'" 1 
ATOM   7   C "C2'" . G   A 1 1  ? -10.450 14.284  3.805   1.00 98.80  ? 1   G   A "C2'" 1 
ATOM   8   O "O2'" . G   A 1 1  ? -11.758 14.275  4.362   1.00 101.89 ? 1   G   A "O2'" 1 
ATOM   9   C "C1'" . G   A 1 1  ? -10.431 15.256  2.629   1.00 94.92  ? 1   G   A "C1'" 1 
ATOM   10  N N9    . G   A 1 1  ? -9.400  14.902  1.638   1.00 89.06  ? 1   G   A N9    1 
ATOM   11  C C8    . G   A 1 1  ? -8.341  15.680  1.227   1.00 85.02  ? 1   G   A C8    1 
ATOM   12  N N7    . G   A 1 1  ? -7.588  15.094  0.331   1.00 83.67  ? 1   G   A N7    1 
ATOM   13  C C5    . G   A 1 1  ? -8.198  13.851  0.136   1.00 86.71  ? 1   G   A C5    1 
ATOM   14  C C6    . G   A 1 1  ? -7.853  12.766  -0.722  1.00 84.19  ? 1   G   A C6    1 
ATOM   15  O O6    . G   A 1 1  ? -6.890  12.691  -1.509  1.00 78.97  ? 1   G   A O6    1 
ATOM   16  N N1    . G   A 1 1  ? -8.755  11.698  -0.591  1.00 78.39  ? 1   G   A N1    1 
ATOM   17  C C2    . G   A 1 1  ? -9.850  11.681  0.247   1.00 80.13  ? 1   G   A C2    1 
ATOM   18  N N2    . G   A 1 1  ? -10.628 10.586  0.249   1.00 79.25  ? 1   G   A N2    1 
ATOM   19  N N3    . G   A 1 1  ? -10.177 12.687  1.036   1.00 85.46  ? 1   G   A N3    1 
ATOM   20  C C4    . G   A 1 1  ? -9.318  13.724  0.934   1.00 87.34  ? 1   G   A C4    1 
ATOM   21  P P     . G   A 1 2  ? -8.591  13.500  6.743   1.00 96.63  ? 2   G   A P     1 
ATOM   22  O OP1   . G   A 1 2  ? -8.775  13.479  8.218   1.00 97.45  ? 2   G   A OP1   1 
ATOM   23  O OP2   . G   A 1 2  ? -7.256  13.868  6.180   1.00 77.91  ? 2   G   A OP2   1 
ATOM   24  O "O5'" . G   A 1 2  ? -9.085  12.073  6.213   1.00 96.27  ? 2   G   A "O5'" 1 
ATOM   25  C "C5'" . G   A 1 2  ? -10.413 11.616  6.467   1.00 94.50  ? 2   G   A "C5'" 1 
ATOM   26  C "C4'" . G   A 1 2  ? -10.736 10.353  5.700   1.00 90.96  ? 2   G   A "C4'" 1 
ATOM   27  O "O4'" . G   A 1 2  ? -10.777 10.622  4.268   1.00 90.53  ? 2   G   A "O4'" 1 
ATOM   28  C "C3'" . G   A 1 2  ? -9.730  9.224   5.836   1.00 89.59  ? 2   G   A "C3'" 1 
ATOM   29  O "O3'" . G   A 1 2  ? -9.907  8.469   7.014   1.00 97.74  ? 2   G   A "O3'" 1 
ATOM   30  C "C2'" . G   A 1 2  ? -9.950  8.417   4.568   1.00 88.73  ? 2   G   A "C2'" 1 
ATOM   31  O "O2'" . G   A 1 2  ? -11.099 7.592   4.684   1.00 94.90  ? 2   G   A "O2'" 1 
ATOM   32  C "C1'" . G   A 1 2  ? -10.235 9.526   3.558   1.00 88.87  ? 2   G   A "C1'" 1 
ATOM   33  N N9    . G   A 1 2  ? -8.993  9.969   2.901   1.00 85.49  ? 2   G   A N9    1 
ATOM   34  C C8    . G   A 1 2  ? -8.317  11.156  3.080   1.00 84.05  ? 2   G   A C8    1 
ATOM   35  N N7    . G   A 1 2  ? -7.231  11.246  2.360   1.00 81.65  ? 2   G   A N7    1 
ATOM   36  C C5    . G   A 1 2  ? -7.189  10.039  1.671   1.00 81.14  ? 2   G   A C5    1 
ATOM   37  C C6    . G   A 1 2  ? -6.252  9.554   0.726   1.00 75.49  ? 2   G   A C6    1 
ATOM   38  O O6    . G   A 1 2  ? -5.234  10.107  0.286   1.00 75.40  ? 2   G   A O6    1 
ATOM   39  N N1    . G   A 1 2  ? -6.590  8.277   0.295   1.00 71.92  ? 2   G   A N1    1 
ATOM   40  C C2    . G   A 1 2  ? -7.685  7.553   0.696   1.00 80.91  ? 2   G   A C2    1 
ATOM   41  N N2    . G   A 1 2  ? -7.829  6.335   0.148   1.00 82.02  ? 2   G   A N2    1 
ATOM   42  N N3    . G   A 1 2  ? -8.579  8.001   1.558   1.00 85.69  ? 2   G   A N3    1 
ATOM   43  C C4    . G   A 1 2  ? -8.261  9.236   2.005   1.00 85.05  ? 2   G   A C4    1 
ATOM   44  P P     . C   A 1 3  ? -8.625  7.901   7.789   1.00 92.49  ? 3   C   A P     1 
ATOM   45  O OP1   . C   A 1 3  ? -9.153  7.226   9.005   1.00 90.61  ? 3   C   A OP1   1 
ATOM   46  O OP2   . C   A 1 3  ? -7.648  9.027   7.887   1.00 80.63  ? 3   C   A OP2   1 
ATOM   47  O "O5'" . C   A 1 3  ? -8.057  6.770   6.819   1.00 91.57  ? 3   C   A "O5'" 1 
ATOM   48  C "C5'" . C   A 1 3  ? -8.816  5.596   6.562   1.00 85.40  ? 3   C   A "C5'" 1 
ATOM   49  C "C4'" . C   A 1 3  ? -8.140  4.709   5.550   1.00 77.05  ? 3   C   A "C4'" 1 
ATOM   50  O "O4'" . C   A 1 3  ? -8.045  5.398   4.276   1.00 82.99  ? 3   C   A "O4'" 1 
ATOM   51  C "C3'" . C   A 1 3  ? -6.704  4.331   5.851   1.00 75.73  ? 3   C   A "C3'" 1 
ATOM   52  O "O3'" . C   A 1 3  ? -6.577  3.317   6.829   1.00 75.47  ? 3   C   A "O3'" 1 
ATOM   53  C "C2'" . C   A 1 3  ? -6.170  3.951   4.477   1.00 74.10  ? 3   C   A "C2'" 1 
ATOM   54  O "O2'" . C   A 1 3  ? -6.614  2.661   4.082   1.00 76.71  ? 3   C   A "O2'" 1 
ATOM   55  C "C1'" . C   A 1 3  ? -6.871  4.986   3.597   1.00 81.95  ? 3   C   A "C1'" 1 
ATOM   56  N N1    . C   A 1 3  ? -5.999  6.158   3.359   1.00 76.43  ? 3   C   A N1    1 
ATOM   57  C C2    . C   A 1 3  ? -4.965  6.007   2.430   1.00 72.16  ? 3   C   A C2    1 
ATOM   58  O O2    . C   A 1 3  ? -4.827  4.931   1.819   1.00 69.93  ? 3   C   A O2    1 
ATOM   59  N N3    . C   A 1 3  ? -4.133  7.040   2.209   1.00 75.91  ? 3   C   A N3    1 
ATOM   60  C C4    . C   A 1 3  ? -4.301  8.181   2.863   1.00 80.83  ? 3   C   A C4    1 
ATOM   61  N N4    . C   A 1 3  ? -3.447  9.166   2.570   1.00 81.62  ? 3   C   A N4    1 
ATOM   62  C C5    . C   A 1 3  ? -5.332  8.359   3.833   1.00 67.48  ? 3   C   A C5    1 
ATOM   63  C C6    . C   A 1 3  ? -6.152  7.329   4.053   1.00 70.59  ? 3   C   A C6    1 
ATOM   64  P P     . G   A 1 4  ? -5.290  3.305   7.787   1.00 72.66  ? 4   G   A P     1 
ATOM   65  O OP1   . G   A 1 4  ? -5.384  2.123   8.672   1.00 70.56  ? 4   G   A OP1   1 
ATOM   66  O OP2   . G   A 1 4  ? -5.105  4.671   8.341   1.00 72.84  ? 4   G   A OP2   1 
ATOM   67  O "O5'" . G   A 1 4  ? -4.075  3.075   6.797   1.00 62.15  ? 4   G   A "O5'" 1 
ATOM   68  C "C5'" . G   A 1 4  ? -3.919  1.847   6.114   1.00 62.84  ? 4   G   A "C5'" 1 
ATOM   69  C "C4'" . G   A 1 4  ? -2.710  1.877   5.216   1.00 61.20  ? 4   G   A "C4'" 1 
ATOM   70  O "O4'" . G   A 1 4  ? -2.909  2.836   4.149   1.00 66.56  ? 4   G   A "O4'" 1 
ATOM   71  C "C3'" . G   A 1 4  ? -1.396  2.318   5.842   1.00 57.09  ? 4   G   A "C3'" 1 
ATOM   72  O "O3'" . G   A 1 4  ? -0.780  1.324   6.622   1.00 57.12  ? 4   G   A "O3'" 1 
ATOM   73  C "C2'" . G   A 1 4  ? -0.588  2.703   4.609   1.00 59.60  ? 4   G   A "C2'" 1 
ATOM   74  O "O2'" . G   A 1 4  ? -0.138  1.545   3.918   1.00 61.03  ? 4   G   A "O2'" 1 
ATOM   75  C "C1'" . G   A 1 4  ? -1.663  3.380   3.760   1.00 58.28  ? 4   G   A "C1'" 1 
ATOM   76  N N9    . G   A 1 4  ? -1.669  4.811   4.051   1.00 63.19  ? 4   G   A N9    1 
ATOM   77  C C8    . G   A 1 4  ? -2.435  5.459   4.984   1.00 65.43  ? 4   G   A C8    1 
ATOM   78  N N7    . G   A 1 4  ? -2.180  6.733   5.042   1.00 63.63  ? 4   G   A N7    1 
ATOM   79  C C5    . G   A 1 4  ? -1.168  6.912   4.117   1.00 65.48  ? 4   G   A C5    1 
ATOM   80  C C6    . G   A 1 4  ? -0.482  8.085   3.762   1.00 66.75  ? 4   G   A C6    1 
ATOM   81  O O6    . G   A 1 4  ? -0.667  9.205   4.249   1.00 71.70  ? 4   G   A O6    1 
ATOM   82  N N1    . G   A 1 4  ? 0.474   7.845   2.772   1.00 64.00  ? 4   G   A N1    1 
ATOM   83  C C2    . G   A 1 4  ? 0.728   6.613   2.210   1.00 70.59  ? 4   G   A C2    1 
ATOM   84  N N2    . G   A 1 4  ? 1.680   6.546   1.267   1.00 68.70  ? 4   G   A N2    1 
ATOM   85  N N3    . G   A 1 4  ? 0.100   5.508   2.555   1.00 67.10  ? 4   G   A N3    1 
ATOM   86  C C4    . G   A 1 4  ? -0.826  5.737   3.504   1.00 64.55  ? 4   G   A C4    1 
ATOM   87  P P     . A   A 1 5  ? -0.179  1.675   8.092   1.00 61.46  ? 5   A   A P     1 
ATOM   88  O OP1   . A   A 1 5  ? -1.129  1.134   9.066   1.00 55.99  ? 5   A   A OP1   1 
ATOM   89  O OP2   . A   A 1 5  ? 0.233   3.102   8.112   1.00 62.13  ? 5   A   A OP2   1 
ATOM   90  O "O5'" . A   A 1 5  ? 1.144   0.826   8.137   1.00 52.67  ? 5   A   A "O5'" 1 
ATOM   91  C "C5'" . A   A 1 5  ? 2.083   0.954   7.083   1.00 60.17  ? 5   A   A "C5'" 1 
ATOM   92  C "C4'" . A   A 1 5  ? 3.336   0.216   7.433   1.00 52.59  ? 5   A   A "C4'" 1 
ATOM   93  O "O4'" . A   A 1 5  ? 4.262   0.295   6.312   1.00 57.01  ? 5   A   A "O4'" 1 
ATOM   94  C "C3'" . A   A 1 5  ? 4.077   0.794   8.626   1.00 54.93  ? 5   A   A "C3'" 1 
ATOM   95  O "O3'" . A   A 1 5  ? 4.847   -0.255  9.191   1.00 60.34  ? 5   A   A "O3'" 1 
ATOM   96  C "C2'" . A   A 1 5  ? 5.025   1.782   7.963   1.00 68.71  ? 5   A   A "C2'" 1 
ATOM   97  O "O2'" . A   A 1 5  ? 6.141   2.118   8.762   1.00 66.50  ? 5   A   A "O2'" 1 
ATOM   98  C "C1'" . A   A 1 5  ? 5.420   1.003   6.706   1.00 61.70  ? 5   A   A "C1'" 1 
ATOM   99  N N9    . A   A 1 5  ? 5.853   1.813   5.566   1.00 61.76  ? 5   A   A N9    1 
ATOM   100 C C8    . A   A 1 5  ? 7.063   1.724   4.918   1.00 66.26  ? 5   A   A C8    1 
ATOM   101 N N7    . A   A 1 5  ? 7.186   2.554   3.909   1.00 75.13  ? 5   A   A N7    1 
ATOM   102 C C5    . A   A 1 5  ? 5.965   3.217   3.875   1.00 67.13  ? 5   A   A C5    1 
ATOM   103 C C6    . A   A 1 5  ? 5.459   4.218   3.026   1.00 70.51  ? 5   A   A C6    1 
ATOM   104 N N6    . A   A 1 5  ? 6.155   4.728   2.012   1.00 75.99  ? 5   A   A N6    1 
ATOM   105 N N1    . A   A 1 5  ? 4.207   4.683   3.249   1.00 67.40  ? 5   A   A N1    1 
ATOM   106 C C2    . A   A 1 5  ? 3.529   4.148   4.271   1.00 71.73  ? 5   A   A C2    1 
ATOM   107 N N3    . A   A 1 5  ? 3.894   3.198   5.135   1.00 63.29  ? 5   A   A N3    1 
ATOM   108 C C4    . A   A 1 5  ? 5.136   2.771   4.883   1.00 65.29  ? 5   A   A C4    1 
ATOM   109 P P     . A   A 1 6  ? 4.868   -0.517  10.779  1.00 67.33  ? 6   A   A P     1 
ATOM   110 O OP1   . A   A 1 6  ? 4.774   0.749   11.546  1.00 68.31  ? 6   A   A OP1   1 
ATOM   111 O OP2   . A   A 1 6  ? 6.019   -1.451  10.912  1.00 72.18  ? 6   A   A OP2   1 
ATOM   112 O "O5'" . A   A 1 6  ? 3.522   -1.315  11.062  1.00 64.51  ? 6   A   A "O5'" 1 
ATOM   113 C "C5'" . A   A 1 6  ? 3.402   -2.707  10.819  1.00 67.65  ? 6   A   A "C5'" 1 
ATOM   114 C "C4'" . A   A 1 6  ? 1.948   -3.106  10.832  1.00 68.64  ? 6   A   A "C4'" 1 
ATOM   115 O "O4'" . A   A 1 6  ? 1.454   -3.007  12.194  1.00 71.11  ? 6   A   A "O4'" 1 
ATOM   116 C "C3'" . A   A 1 6  ? 1.045   -2.208  9.999   1.00 59.68  ? 6   A   A "C3'" 1 
ATOM   117 O "O3'" . A   A 1 6  ? -0.069  -2.968  9.554   1.00 73.01  ? 6   A   A "O3'" 1 
ATOM   118 C "C2'" . A   A 1 6  ? 0.584   -1.172  11.012  1.00 70.12  ? 6   A   A "C2'" 1 
ATOM   119 O "O2'" . A   A 1 6  ? -0.607  -0.495  10.687  1.00 76.48  ? 6   A   A "O2'" 1 
ATOM   120 C "C1'" . A   A 1 6  ? 0.436   -2.022  12.271  1.00 65.14  ? 6   A   A "C1'" 1 
ATOM   121 N N9    . A   A 1 6  ? 0.668   -1.262  13.493  1.00 76.04  ? 6   A   A N9    1 
ATOM   122 C C8    . A   A 1 6  ? 1.213   0.003   13.598  1.00 79.66  ? 6   A   A C8    1 
ATOM   123 N N7    . A   A 1 6  ? 1.328   0.418   14.845  1.00 88.05  ? 6   A   A N7    1 
ATOM   124 C C5    . A   A 1 6  ? 0.831   -0.640  15.609  1.00 86.64  ? 6   A   A C5    1 
ATOM   125 C C6    . A   A 1 6  ? 0.681   -0.831  17.005  1.00 96.50  ? 6   A   A C6    1 
ATOM   126 N N6    . A   A 1 6  ? 1.021   0.076   17.934  1.00 96.41  ? 6   A   A N6    1 
ATOM   127 N N1    . A   A 1 6  ? 0.156   -2.010  17.423  1.00 89.50  ? 6   A   A N1    1 
ATOM   128 C C2    . A   A 1 6  ? -0.192  -2.925  16.506  1.00 88.75  ? 6   A   A C2    1 
ATOM   129 N N3    . A   A 1 6  ? -0.105  -2.856  15.174  1.00 87.22  ? 6   A   A N3    1 
ATOM   130 C C4    . A   A 1 6  ? 0.421   -1.682  14.783  1.00 81.86  ? 6   A   A C4    1 
ATOM   131 P P     . G   A 1 7  ? 0.083   -3.923  8.273   1.00 69.10  ? 7   G   A P     1 
ATOM   132 O OP1   . G   A 1 7  ? -1.300  -4.324  7.908   1.00 81.17  ? 7   G   A OP1   1 
ATOM   133 O OP2   . G   A 1 7  ? 1.094   -4.980  8.466   1.00 74.77  ? 7   G   A OP2   1 
ATOM   134 O "O5'" . G   A 1 7  ? 0.719   -2.940  7.184   1.00 65.08  ? 7   G   A "O5'" 1 
ATOM   135 C "C5'" . G   A 1 7  ? -0.084  -1.989  6.489   1.00 65.23  ? 7   G   A "C5'" 1 
ATOM   136 C "C4'" . G   A 1 7  ? 0.400   -1.815  5.065   1.00 67.67  ? 7   G   A "C4'" 1 
ATOM   137 O "O4'" . G   A 1 7  ? 1.804   -1.429  5.100   1.00 56.59  ? 7   G   A "O4'" 1 
ATOM   138 C "C3'" . G   A 1 7  ? 0.341   -3.079  4.198   1.00 61.24  ? 7   G   A "C3'" 1 
ATOM   139 O "O3'" . G   A 1 7  ? 0.266   -2.681  2.837   1.00 71.17  ? 7   G   A "O3'" 1 
ATOM   140 C "C2'" . G   A 1 7  ? 1.722   -3.678  4.419   1.00 64.73  ? 7   G   A "C2'" 1 
ATOM   141 O "O2'" . G   A 1 7  ? 2.155   -4.561  3.409   1.00 68.01  ? 7   G   A "O2'" 1 
ATOM   142 C "C1'" . G   A 1 7  ? 2.578   -2.418  4.438   1.00 63.18  ? 7   G   A "C1'" 1 
ATOM   143 N N9    . G   A 1 7  ? 3.861   -2.605  5.104   1.00 63.41  ? 7   G   A N9    1 
ATOM   144 C C8    . G   A 1 7  ? 4.098   -3.309  6.256   1.00 68.89  ? 7   G   A C8    1 
ATOM   145 N N7    . G   A 1 7  ? 5.360   -3.341  6.573   1.00 68.32  ? 7   G   A N7    1 
ATOM   146 C C5    . G   A 1 7  ? 5.977   -2.641  5.551   1.00 70.18  ? 7   G   A C5    1 
ATOM   147 C C6    . G   A 1 7  ? 7.339   -2.343  5.365   1.00 74.21  ? 7   G   A C6    1 
ATOM   148 O O6    . G   A 1 7  ? 8.271   -2.678  6.096   1.00 75.38  ? 7   G   A O6    1 
ATOM   149 N N1    . G   A 1 7  ? 7.548   -1.601  4.202   1.00 73.63  ? 7   G   A N1    1 
ATOM   150 C C2    . G   A 1 7  ? 6.570   -1.204  3.323   1.00 70.59  ? 7   G   A C2    1 
ATOM   151 N N2    . G   A 1 7  ? 6.970   -0.497  2.250   1.00 65.66  ? 7   G   A N2    1 
ATOM   152 N N3    . G   A 1 7  ? 5.289   -1.475  3.500   1.00 67.74  ? 7   G   A N3    1 
ATOM   153 C C4    . G   A 1 7  ? 5.074   -2.187  4.627   1.00 63.97  ? 7   G   A C4    1 
HETATM 154 C C2    . 6MZ A 1 8  ? 2.065   0.897   -4.332  1.00 81.45  ? 8   6MZ A C2    1 
HETATM 155 C C4    . 6MZ A 1 8  ? 1.168   0.543   -2.192  1.00 73.17  ? 8   6MZ A C4    1 
HETATM 156 C C5    . 6MZ A 1 8  ? 2.230   -0.181  -1.844  1.00 76.32  ? 8   6MZ A C5    1 
HETATM 157 O O1P   . 6MZ A 1 8  ? -2.043  -3.725  2.574   1.00 76.95  ? 8   6MZ A O1P   1 
HETATM 158 O O2P   . 6MZ A 1 8  ? -0.031  -4.346  1.012   1.00 68.92  ? 8   6MZ A O2P   1 
HETATM 159 N N9    . 6MZ A 1 8  ? 0.326   0.586   -1.155  1.00 72.23  ? 8   6MZ A N9    1 
HETATM 160 N N3    . 6MZ A 1 8  ? 1.079   1.072   -3.426  1.00 83.92  ? 8   6MZ A N3    1 
HETATM 161 N N1    . 6MZ A 1 8  ? 3.154   0.170   -3.984  1.00 82.24  ? 8   6MZ A N1    1 
HETATM 162 C C6    . 6MZ A 1 8  ? 3.239   -0.357  -2.777  1.00 82.82  ? 8   6MZ A C6    1 
HETATM 163 N N6    . 6MZ A 1 8  ? 4.446   -1.116  -2.530  1.00 89.15  ? 8   6MZ A N6    1 
HETATM 164 C C9    . 6MZ A 1 8  ? 5.242   -1.477  -3.697  1.00 94.31  ? 8   6MZ A C9    1 
HETATM 165 N N7    . 6MZ A 1 8  ? 2.055   -0.597  -0.562  1.00 71.78  ? 8   6MZ A N7    1 
HETATM 166 C C8    . 6MZ A 1 8  ? 0.868   -0.118  -0.140  1.00 69.86  ? 8   6MZ A C8    1 
HETATM 167 O "O5'" . 6MZ A 1 8  ? -1.209  -2.082  0.921   1.00 76.29  ? 8   6MZ A "O5'" 1 
HETATM 168 C "C5'" . 6MZ A 1 8  ? -2.156  -1.128  1.386   1.00 71.82  ? 8   6MZ A "C5'" 1 
HETATM 169 C "C4'" . 6MZ A 1 8  ? -2.465  -0.071  0.340   1.00 75.68  ? 8   6MZ A "C4'" 1 
HETATM 170 O "O4'" . 6MZ A 1 8  ? -1.419  0.938   0.352   1.00 77.69  ? 8   6MZ A "O4'" 1 
HETATM 171 C "C1'" . 6MZ A 1 8  ? -0.987  1.216   -0.950  1.00 76.30  ? 8   6MZ A "C1'" 1 
HETATM 172 C "C2'" . 6MZ A 1 8  ? -2.035  0.663   -1.901  1.00 87.47  ? 8   6MZ A "C2'" 1 
HETATM 173 O "O2'" . 6MZ A 1 8  ? -3.044  1.645   -2.040  1.00 95.39  ? 8   6MZ A "O2'" 1 
HETATM 174 C "C3'" . 6MZ A 1 8  ? -2.553  -0.537  -1.112  1.00 83.52  ? 8   6MZ A "C3'" 1 
HETATM 175 O "O3'" . 6MZ A 1 8  ? -3.871  -0.911  -1.475  1.00 85.60  ? 8   6MZ A "O3'" 1 
HETATM 176 P P     . 6MZ A 1 8  ? -0.796  -3.328  1.822   1.00 70.61  ? 8   6MZ A P     1 
ATOM   177 P P     . A   A 1 9  ? -4.156  -2.224  -2.352  1.00 76.63  ? 9   A   A P     1 
ATOM   178 O OP1   . A   A 1 9  ? -5.633  -2.233  -2.477  1.00 95.61  ? 9   A   A OP1   1 
ATOM   179 O OP2   . A   A 1 9  ? -3.493  -3.432  -1.800  1.00 78.22  ? 9   A   A OP2   1 
ATOM   180 O "O5'" . A   A 1 9  ? -3.515  -1.862  -3.765  1.00 80.57  ? 9   A   A "O5'" 1 
ATOM   181 C "C5'" . A   A 1 9  ? -4.072  -0.829  -4.569  1.00 73.19  ? 9   A   A "C5'" 1 
ATOM   182 C "C4'" . A   A 1 9  ? -3.159  -0.450  -5.708  1.00 82.41  ? 9   A   A "C4'" 1 
ATOM   183 O "O4'" . A   A 1 9  ? -1.841  -0.114  -5.208  1.00 88.35  ? 9   A   A "O4'" 1 
ATOM   184 C "C3'" . A   A 1 9  ? -2.885  -1.530  -6.736  1.00 86.64  ? 9   A   A "C3'" 1 
ATOM   185 O "O3'" . A   A 1 9  ? -3.946  -1.690  -7.653  1.00 78.37  ? 9   A   A "O3'" 1 
ATOM   186 C "C2'" . A   A 1 9  ? -1.583  -1.060  -7.374  1.00 93.25  ? 9   A   A "C2'" 1 
ATOM   187 O "O2'" . A   A 1 9  ? -1.817  -0.033  -8.326  1.00 97.06  ? 9   A   A "O2'" 1 
ATOM   188 C "C1'" . A   A 1 9  ? -0.863  -0.448  -6.172  1.00 87.10  ? 9   A   A "C1'" 1 
ATOM   189 N N9    . A   A 1 9  ? 0.101   -1.387  -5.573  1.00 83.36  ? 9   A   A N9    1 
ATOM   190 C C8    . A   A 1 9  ? 0.046   -1.993  -4.341  1.00 78.27  ? 9   A   A C8    1 
ATOM   191 N N7    . A   A 1 9  ? 1.072   -2.775  -4.111  1.00 85.15  ? 9   A   A N7    1 
ATOM   192 C C5    . A   A 1 9  ? 1.843   -2.675  -5.266  1.00 85.26  ? 9   A   A C5    1 
ATOM   193 C C6    . A   A 1 9  ? 3.065   -3.255  -5.657  1.00 92.91  ? 9   A   A C6    1 
ATOM   194 N N6    . A   A 1 9  ? 3.768   -4.102  -4.891  1.00 92.95  ? 9   A   A N6    1 
ATOM   195 N N1    . A   A 1 9  ? 3.557   -2.936  -6.876  1.00 99.10  ? 9   A   A N1    1 
ATOM   196 C C2    . A   A 1 9  ? 2.869   -2.088  -7.646  1.00 97.22  ? 9   A   A C2    1 
ATOM   197 N N3    . A   A 1 9  ? 1.718   -1.480  -7.381  1.00 95.21  ? 9   A   A N3    1 
ATOM   198 C C4    . A   A 1 9  ? 1.256   -1.817  -6.167  1.00 83.91  ? 9   A   A C4    1 
ATOM   199 P P     . C   A 1 10 ? -4.551  -3.149  -7.918  1.00 83.22  ? 10  C   A P     1 
ATOM   200 O OP1   . C   A 1 10 ? -5.583  -2.969  -8.986  1.00 82.66  ? 10  C   A OP1   1 
ATOM   201 O OP2   . C   A 1 10 ? -4.933  -3.780  -6.626  1.00 74.55  ? 10  C   A OP2   1 
ATOM   202 O "O5'" . C   A 1 10 ? -3.327  -3.936  -8.554  1.00 86.01  ? 10  C   A "O5'" 1 
ATOM   203 C "C5'" . C   A 1 10 ? -2.752  -3.470  -9.764  1.00 90.01  ? 10  C   A "C5'" 1 
ATOM   204 C "C4'" . C   A 1 10 ? -1.392  -4.066  -9.976  1.00 91.52  ? 10  C   A "C4'" 1 
ATOM   205 O "O4'" . C   A 1 10 ? -0.508  -3.677  -8.889  1.00 85.22  ? 10  C   A "O4'" 1 
ATOM   206 C "C3'" . C   A 1 10 ? -1.348  -5.579  -9.952  1.00 91.20  ? 10  C   A "C3'" 1 
ATOM   207 O "O3'" . C   A 1 10 ? -1.779  -6.162  -11.163 1.00 84.01  ? 10  C   A "O3'" 1 
ATOM   208 C "C2'" . C   A 1 10 ? 0.106   -5.866  -9.590  1.00 88.32  ? 10  C   A "C2'" 1 
ATOM   209 O "O2'" . C   A 1 10 ? 0.954   -5.712  -10.724 1.00 84.62  ? 10  C   A "O2'" 1 
ATOM   210 C "C1'" . C   A 1 10 ? 0.392   -4.732  -8.603  1.00 86.02  ? 10  C   A "C1'" 1 
ATOM   211 N N1    . C   A 1 10 ? 0.191   -5.153  -7.197  1.00 82.43  ? 10  C   A N1    1 
ATOM   212 C C2    . C   A 1 10 ? 1.181   -5.920  -6.563  1.00 82.86  ? 10  C   A C2    1 
ATOM   213 O O2    . C   A 1 10 ? 2.205   -6.238  -7.184  1.00 86.57  ? 10  C   A O2    1 
ATOM   214 N N3    . C   A 1 10 ? 0.998   -6.303  -5.285  1.00 75.88  ? 10  C   A N3    1 
ATOM   215 C C4    . C   A 1 10 ? -0.110  -5.937  -4.639  1.00 72.06  ? 10  C   A C4    1 
ATOM   216 N N4    . C   A 1 10 ? -0.240  -6.337  -3.379  1.00 70.12  ? 10  C   A N4    1 
ATOM   217 C C5    . C   A 1 10 ? -1.138  -5.165  -5.254  1.00 65.79  ? 10  C   A C5    1 
ATOM   218 C C6    . C   A 1 10 ? -0.939  -4.789  -6.520  1.00 67.77  ? 10  C   A C6    1 
ATOM   219 P P     . C   A 1 11 ? -2.494  -7.600  -11.134 1.00 93.98  ? 11  C   A P     1 
ATOM   220 O OP1   . C   A 1 11 ? -3.039  -7.870  -12.494 1.00 102.53 ? 11  C   A OP1   1 
ATOM   221 O OP2   . C   A 1 11 ? -3.434  -7.623  -9.981  1.00 79.15  ? 11  C   A OP2   1 
ATOM   222 O "O5'" . C   A 1 11 ? -1.282  -8.604  -10.885 1.00 92.39  ? 11  C   A "O5'" 1 
ATOM   223 C "C5'" . C   A 1 11 ? -0.145  -8.579  -11.737 1.00 93.01  ? 11  C   A "C5'" 1 
ATOM   224 C "C4'" . C   A 1 11 ? 0.908   -9.546  -11.270 1.00 87.20  ? 11  C   A "C4'" 1 
ATOM   225 O "O4'" . C   A 1 11 ? 1.465   -9.087  -10.016 1.00 90.65  ? 11  C   A "O4'" 1 
ATOM   226 C "C3'" . C   A 1 11 ? 0.395   -10.938 -10.967 1.00 84.40  ? 11  C   A "C3'" 1 
ATOM   227 O "O3'" . C   A 1 11 ? 0.311   -11.750 -12.128 1.00 91.85  ? 11  C   A "O3'" 1 
ATOM   228 C "C2'" . C   A 1 11 ? 1.379   -11.466 -9.941  1.00 88.76  ? 11  C   A "C2'" 1 
ATOM   229 O "O2'" . C   A 1 11 ? 2.537   -11.974 -10.588 1.00 93.49  ? 11  C   A "O2'" 1 
ATOM   230 C "C1'" . C   A 1 11 ? 1.750   -10.190 -9.180  1.00 90.77  ? 11  C   A "C1'" 1 
ATOM   231 N N1    . C   A 1 11 ? 0.993   -10.033 -7.912  1.00 76.80  ? 11  C   A N1    1 
ATOM   232 C C2    . C   A 1 11 ? 1.432   -10.705 -6.760  1.00 79.10  ? 11  C   A C2    1 
ATOM   233 O O2    . C   A 1 11 ? 2.431   -11.441 -6.837  1.00 79.01  ? 11  C   A O2    1 
ATOM   234 N N3    . C   A 1 11 ? 0.749   -10.545 -5.597  1.00 74.95  ? 11  C   A N3    1 
ATOM   235 C C4    . C   A 1 11 ? -0.323  -9.741  -5.560  1.00 75.45  ? 11  C   A C4    1 
ATOM   236 N N4    . C   A 1 11 ? -0.973  -9.600  -4.403  1.00 76.59  ? 11  C   A N4    1 
ATOM   237 C C5    . C   A 1 11 ? -0.783  -9.037  -6.714  1.00 72.77  ? 11  C   A C5    1 
ATOM   238 C C6    . C   A 1 11 ? -0.097  -9.209  -7.851  1.00 69.65  ? 11  C   A C6    1 
ATOM   239 P P     . G   A 1 12 ? 3.219   -14.254 4.625   1.00 96.30  ? 12  G   A P     1 
ATOM   240 O OP1   . G   A 1 12 ? 3.862   -15.118 5.649   1.00 109.60 ? 12  G   A OP1   1 
ATOM   241 O OP2   . G   A 1 12 ? 1.827   -13.775 4.811   1.00 91.06  ? 12  G   A OP2   1 
ATOM   242 O "O5'" . G   A 1 12 ? 3.328   -15.058 3.264   1.00 84.00  ? 12  G   A "O5'" 1 
ATOM   243 C "C5'" . G   A 1 12 ? 4.412   -15.931 3.012   1.00 77.60  ? 12  G   A "C5'" 1 
ATOM   244 C "C4'" . G   A 1 12 ? 4.745   -15.968 1.543   1.00 86.24  ? 12  G   A "C4'" 1 
ATOM   245 O "O4'" . G   A 1 12 ? 3.525   -16.164 0.769   1.00 90.51  ? 12  G   A "O4'" 1 
ATOM   246 C "C3'" . G   A 1 12 ? 5.340   -14.702 0.946   1.00 89.14  ? 12  G   A "C3'" 1 
ATOM   247 O "O3'" . G   A 1 12 ? 6.714   -14.506 1.241   1.00 93.07  ? 12  G   A "O3'" 1 
ATOM   248 C "C2'" . G   A 1 12 ? 5.030   -14.876 -0.534  1.00 94.52  ? 12  G   A "C2'" 1 
ATOM   249 O "O2'" . G   A 1 12 ? 5.884   -15.841 -1.133  1.00 99.61  ? 12  G   A "O2'" 1 
ATOM   250 C "C1'" . G   A 1 12 ? 3.625   -15.471 -0.461  1.00 90.51  ? 12  G   A "C1'" 1 
ATOM   251 N N9    . G   A 1 12 ? 2.619   -14.396 -0.499  1.00 84.16  ? 12  G   A N9    1 
ATOM   252 C C8    . G   A 1 12 ? 1.851   -13.863 0.517   1.00 80.82  ? 12  G   A C8    1 
ATOM   253 N N7    . G   A 1 12 ? 1.089   -12.875 0.109   1.00 78.62  ? 12  G   A N7    1 
ATOM   254 C C5    . G   A 1 12 ? 1.387   -12.750 -1.247  1.00 80.21  ? 12  G   A C5    1 
ATOM   255 C C6    . G   A 1 12 ? 0.883   -11.866 -2.238  1.00 77.09  ? 12  G   A C6    1 
ATOM   256 O O6    . G   A 1 12 ? 0.037   -10.971 -2.124  1.00 67.01  ? 12  G   A O6    1 
ATOM   257 N N1    . G   A 1 12 ? 1.465   -12.102 -3.483  1.00 83.92  ? 12  G   A N1    1 
ATOM   258 C C2    . G   A 1 12 ? 2.411   -13.062 -3.748  1.00 91.01  ? 12  G   A C2    1 
ATOM   259 N N2    . G   A 1 12 ? 2.861   -13.135 -5.010  1.00 91.29  ? 12  G   A N2    1 
ATOM   260 N N3    . G   A 1 12 ? 2.890   -13.890 -2.833  1.00 88.54  ? 12  G   A N3    1 
ATOM   261 C C4    . G   A 1 12 ? 2.333   -13.678 -1.625  1.00 79.24  ? 12  G   A C4    1 
ATOM   262 P P     . G   A 1 13 ? 7.281   -13.015 1.466   1.00 98.12  ? 13  G   A P     1 
ATOM   263 O OP1   . G   A 1 13 ? 8.678   -13.074 1.957   1.00 99.76  ? 13  G   A OP1   1 
ATOM   264 O OP2   . G   A 1 13 ? 6.289   -12.241 2.251   1.00 95.85  ? 13  G   A OP2   1 
ATOM   265 O "O5'" . G   A 1 13 ? 7.365   -12.427 -0.009  1.00 101.67 ? 13  G   A "O5'" 1 
ATOM   266 C "C5'" . G   A 1 13 ? 8.153   -13.076 -0.992  1.00 100.14 ? 13  G   A "C5'" 1 
ATOM   267 C "C4'" . G   A 1 13 ? 7.850   -12.545 -2.364  1.00 91.03  ? 13  G   A "C4'" 1 
ATOM   268 O "O4'" . G   A 1 13 ? 6.437   -12.699 -2.642  1.00 91.94  ? 13  G   A "O4'" 1 
ATOM   269 C "C3'" . G   A 1 13 ? 8.091   -11.062 -2.565  1.00 93.57  ? 13  G   A "C3'" 1 
ATOM   270 O "O3'" . G   A 1 13 ? 9.456   -10.735 -2.754  1.00 99.78  ? 13  G   A "O3'" 1 
ATOM   271 C "C2'" . G   A 1 13 ? 7.207   -10.747 -3.763  1.00 94.12  ? 13  G   A "C2'" 1 
ATOM   272 O "O2'" . G   A 1 13 ? 7.828   -11.150 -4.972  1.00 101.40 ? 13  G   A "O2'" 1 
ATOM   273 C "C1'" . G   A 1 13 ? 6.002   -11.654 -3.493  1.00 95.54  ? 13  G   A "C1'" 1 
ATOM   274 N N9    . G   A 1 13 ? 4.925   -10.888 -2.834  1.00 89.78  ? 13  G   A N9    1 
ATOM   275 C C8    . G   A 1 13 ? 4.531   -10.887 -1.514  1.00 88.68  ? 13  G   A C8    1 
ATOM   276 N N7    . G   A 1 13 ? 3.564   -10.038 -1.268  1.00 89.35  ? 13  G   A N7    1 
ATOM   277 C C5    . G   A 1 13 ? 3.321   -9.434  -2.492  1.00 80.51  ? 13  G   A C5    1 
ATOM   278 C C6    . G   A 1 13 ? 2.391   -8.430  -2.851  1.00 71.97  ? 13  G   A C6    1 
ATOM   279 O O6    . G   A 1 13 ? 1.565   -7.859  -2.134  1.00 65.40  ? 13  G   A O6    1 
ATOM   280 N N1    . G   A 1 13 ? 2.490   -8.104  -4.203  1.00 79.36  ? 13  G   A N1    1 
ATOM   281 C C2    . G   A 1 13 ? 3.369   -8.679  -5.091  1.00 85.39  ? 13  G   A C2    1 
ATOM   282 N N2    . G   A 1 13 ? 3.310   -8.245  -6.360  1.00 89.69  ? 13  G   A N2    1 
ATOM   283 N N3    . G   A 1 13 ? 4.242   -9.620  -4.766  1.00 79.27  ? 13  G   A N3    1 
ATOM   284 C C4    . G   A 1 13 ? 4.156   -9.942  -3.462  1.00 82.19  ? 13  G   A C4    1 
ATOM   285 P P     . G   A 1 14 ? 10.082  -9.423  -2.059  1.00 106.46 ? 14  G   A P     1 
ATOM   286 O OP1   . G   A 1 14 ? 11.515  -9.336  -2.449  1.00 110.60 ? 14  G   A OP1   1 
ATOM   287 O OP2   . G   A 1 14 ? 9.731   -9.444  -0.613  1.00 100.78 ? 14  G   A OP2   1 
ATOM   288 O "O5'" . G   A 1 14 ? 9.304   -8.208  -2.744  1.00 98.71  ? 14  G   A "O5'" 1 
ATOM   289 C "C5'" . G   A 1 14 ? 9.330   -7.998  -4.149  1.00 95.97  ? 14  G   A "C5'" 1 
ATOM   290 C "C4'" . G   A 1 14 ? 8.316   -6.958  -4.548  1.00 98.22  ? 14  G   A "C4'" 1 
ATOM   291 O "O4'" . G   A 1 14 ? 6.980   -7.444  -4.253  1.00 97.74  ? 14  G   A "O4'" 1 
ATOM   292 C "C3'" . G   A 1 14 ? 8.408   -5.643  -3.794  1.00 98.19  ? 14  G   A "C3'" 1 
ATOM   293 O "O3'" . G   A 1 14 ? 9.395   -4.778  -4.333  1.00 105.71 ? 14  G   A "O3'" 1 
ATOM   294 C "C2'" . G   A 1 14 ? 6.985   -5.093  -3.877  1.00 93.31  ? 14  G   A "C2'" 1 
ATOM   295 O "O2'" . G   A 1 14 ? 6.757   -4.461  -5.131  1.00 89.83  ? 14  G   A "O2'" 1 
ATOM   296 C "C1'" . G   A 1 14 ? 6.153   -6.377  -3.827  1.00 92.06  ? 14  G   A "C1'" 1 
ATOM   297 N N9    . G   A 1 14 ? 5.635   -6.693  -2.475  1.00 84.18  ? 14  G   A N9    1 
ATOM   298 C C8    . G   A 1 14 ? 6.202   -7.597  -1.605  1.00 85.32  ? 14  G   A C8    1 
ATOM   299 N N7    . G   A 1 14 ? 5.563   -7.722  -0.476  1.00 81.15  ? 14  G   A N7    1 
ATOM   300 C C5    . G   A 1 14 ? 4.491   -6.847  -0.593  1.00 76.88  ? 14  G   A C5    1 
ATOM   301 C C6    . G   A 1 14 ? 3.450   -6.560  0.334   1.00 69.23  ? 14  G   A C6    1 
ATOM   302 O O6    . G   A 1 14 ? 3.290   -7.039  1.464   1.00 63.44  ? 14  G   A O6    1 
ATOM   303 N N1    . G   A 1 14 ? 2.542   -5.610  -0.147  1.00 60.55  ? 14  G   A N1    1 
ATOM   304 C C2    . G   A 1 14 ? 2.649   -5.021  -1.377  1.00 65.27  ? 14  G   A C2    1 
ATOM   305 N N2    . G   A 1 14 ? 1.676   -4.135  -1.657  1.00 70.30  ? 14  G   A N2    1 
ATOM   306 N N3    . G   A 1 14 ? 3.618   -5.286  -2.259  1.00 71.33  ? 14  G   A N3    1 
ATOM   307 C C4    . G   A 1 14 ? 4.510   -6.204  -1.818  1.00 76.81  ? 14  G   A C4    1 
ATOM   308 P P     . G   A 1 15 ? 10.699  -4.398  -3.470  1.00 113.68 ? 15  G   A P     1 
ATOM   309 O OP1   . G   A 1 15 ? 11.851  -4.443  -4.400  1.00 125.83 ? 15  G   A OP1   1 
ATOM   310 O OP2   . G   A 1 15 ? 10.712  -5.188  -2.211  1.00 106.85 ? 15  G   A OP2   1 
ATOM   311 O "O5'" . G   A 1 15 ? 10.463  -2.878  -3.066  1.00 106.09 ? 15  G   A "O5'" 1 
ATOM   312 C "C5'" . G   A 1 15 ? 9.713   -2.023  -3.918  1.00 103.68 ? 15  G   A "C5'" 1 
ATOM   313 C "C4'" . G   A 1 15 ? 8.706   -1.214  -3.145  1.00 96.35  ? 15  G   A "C4'" 1 
ATOM   314 O "O4'" . G   A 1 15 ? 7.893   -2.103  -2.326  1.00 90.02  ? 15  G   A "O4'" 1 
ATOM   315 C "C3'" . G   A 1 15 ? 9.292   -0.168  -2.189  1.00 91.99  ? 15  G   A "C3'" 1 
ATOM   316 O "O3'" . G   A 1 15 ? 8.489   1.007   -2.223  1.00 90.92  ? 15  G   A "O3'" 1 
ATOM   317 C "C2'" . G   A 1 15 ? 9.146   -0.829  -0.822  1.00 83.29  ? 15  G   A "C2'" 1 
ATOM   318 O "O2'" . G   A 1 15 ? 9.054   0.075   0.255   1.00 79.77  ? 15  G   A "O2'" 1 
ATOM   319 C "C1'" . G   A 1 15 ? 7.852   -1.612  -1.002  1.00 82.86  ? 15  G   A "C1'" 1 
ATOM   320 N N9    . G   A 1 15 ? 7.698   -2.713  -0.048  1.00 78.34  ? 15  G   A N9    1 
ATOM   321 C C8    . G   A 1 15 ? 8.712   -3.492  0.463   1.00 84.61  ? 15  G   A C8    1 
ATOM   322 N N7    . G   A 1 15 ? 8.296   -4.372  1.334   1.00 85.65  ? 15  G   A N7    1 
ATOM   323 C C5    . G   A 1 15 ? 6.927   -4.156  1.421   1.00 77.05  ? 15  G   A C5    1 
ATOM   324 C C6    . G   A 1 15 ? 5.944   -4.813  2.208   1.00 79.29  ? 15  G   A C6    1 
ATOM   325 O O6    . G   A 1 15 ? 6.074   -5.751  3.013   1.00 75.22  ? 15  G   A O6    1 
ATOM   326 N N1    . G   A 1 15 ? 4.685   -4.270  1.995   1.00 61.50  ? 15  G   A N1    1 
ATOM   327 C C2    . G   A 1 15 ? 4.401   -3.245  1.138   1.00 69.80  ? 15  G   A C2    1 
ATOM   328 N N2    . G   A 1 15 ? 3.104   -2.887  1.083   1.00 60.82  ? 15  G   A N2    1 
ATOM   329 N N3    . G   A 1 15 ? 5.312   -2.621  0.404   1.00 66.20  ? 15  G   A N3    1 
ATOM   330 C C4    . G   A 1 15 ? 6.543   -3.132  0.579   1.00 68.18  ? 15  G   A C4    1 
ATOM   331 P P     . A   A 1 16 ? 9.039   2.326   -2.944  1.00 94.98  ? 16  A   A P     1 
ATOM   332 O OP1   . A   A 1 16 ? 9.486   1.967   -4.319  1.00 102.68 ? 16  A   A OP1   1 
ATOM   333 O OP2   . A   A 1 16 ? 9.947   3.009   -1.983  1.00 89.98  ? 16  A   A OP2   1 
ATOM   334 O "O5'" . A   A 1 16 ? 7.762   3.258   -3.066  1.00 91.54  ? 16  A   A "O5'" 1 
ATOM   335 C "C5'" . A   A 1 16 ? 6.761   3.030   -4.045  1.00 92.14  ? 16  A   A "C5'" 1 
ATOM   336 C "C4'" . A   A 1 16 ? 5.529   3.843   -3.746  1.00 91.48  ? 16  A   A "C4'" 1 
ATOM   337 O "O4'" . A   A 1 16 ? 4.659   3.066   -2.879  1.00 85.97  ? 16  A   A "O4'" 1 
ATOM   338 C "C3'" . A   A 1 16 ? 5.788   5.167   -3.018  1.00 92.37  ? 16  A   A "C3'" 1 
ATOM   339 O "O3'" . A   A 1 16 ? 4.823   6.132   -3.422  1.00 99.02  ? 16  A   A "O3'" 1 
ATOM   340 C "C2'" . A   A 1 16 ? 5.549   4.791   -1.559  1.00 90.85  ? 16  A   A "C2'" 1 
ATOM   341 O "O2'" . A   A 1 16 ? 5.241   5.867   -0.693  1.00 89.17  ? 16  A   A "O2'" 1 
ATOM   342 C "C1'" . A   A 1 16 ? 4.400   3.792   -1.692  1.00 81.43  ? 16  A   A "C1'" 1 
ATOM   343 N N9    . A   A 1 16 ? 4.321   2.850   -0.583  1.00 77.87  ? 16  A   A N9    1 
ATOM   344 C C8    . A   A 1 16 ? 5.300   1.988   -0.165  1.00 76.14  ? 16  A   A C8    1 
ATOM   345 N N7    . A   A 1 16 ? 4.952   1.269   0.862   1.00 75.87  ? 16  A   A N7    1 
ATOM   346 C C5    . A   A 1 16 ? 3.667   1.700   1.142   1.00 72.67  ? 16  A   A C5    1 
ATOM   347 C C6    . A   A 1 16 ? 2.767   1.321   2.140   1.00 70.98  ? 16  A   A C6    1 
ATOM   348 N N6    . A   A 1 16 ? 3.054   0.388   3.049   1.00 64.49  ? 16  A   A N6    1 
ATOM   349 N N1    . A   A 1 16 ? 1.562   1.926   2.154   1.00 72.58  ? 16  A   A N1    1 
ATOM   350 C C2    . A   A 1 16 ? 1.296   2.856   1.227   1.00 73.62  ? 16  A   A C2    1 
ATOM   351 N N3    . A   A 1 16 ? 2.069   3.307   0.240   1.00 76.88  ? 16  A   A N3    1 
ATOM   352 C C4    . A   A 1 16 ? 3.257   2.673   0.260   1.00 75.17  ? 16  A   A C4    1 
ATOM   353 P P     . G   A 1 17 ? 4.974   6.890   -4.835  1.00 110.23 ? 17  G   A P     1 
ATOM   354 O OP1   . G   A 1 17 ? 6.386   6.804   -5.300  1.00 114.32 ? 17  G   A OP1   1 
ATOM   355 O OP2   . G   A 1 17 ? 4.326   8.212   -4.642  1.00 113.97 ? 17  G   A OP2   1 
ATOM   356 O "O5'" . G   A 1 17 ? 4.093   6.026   -5.847  1.00 97.44  ? 17  G   A "O5'" 1 
ATOM   357 C "C5'" . G   A 1 17 ? 2.693   6.231   -5.965  1.00 91.93  ? 17  G   A "C5'" 1 
ATOM   358 C "C4'" . G   A 1 17 ? 1.902   5.076   -5.397  1.00 93.55  ? 17  G   A "C4'" 1 
ATOM   359 O "O4'" . G   A 1 17 ? 2.123   4.976   -3.960  1.00 92.84  ? 17  G   A "O4'" 1 
ATOM   360 C "C3'" . G   A 1 17 ? 0.392   5.196   -5.543  1.00 93.50  ? 17  G   A "C3'" 1 
ATOM   361 O "O3'" . G   A 1 17 ? -0.066  4.733   -6.799  1.00 96.34  ? 17  G   A "O3'" 1 
ATOM   362 C "C2'" . G   A 1 17 ? -0.139  4.378   -4.376  1.00 86.77  ? 17  G   A "C2'" 1 
ATOM   363 O "O2'" . G   A 1 17 ? -0.134  2.999   -4.693  1.00 84.23  ? 17  G   A "O2'" 1 
ATOM   364 C "C1'" . G   A 1 17 ? 0.915   4.655   -3.303  1.00 86.09  ? 17  G   A "C1'" 1 
ATOM   365 N N9    . G   A 1 17 ? 0.523   5.810   -2.470  1.00 82.22  ? 17  G   A N9    1 
ATOM   366 C C8    . G   A 1 17 ? 1.051   7.083   -2.494  1.00 82.40  ? 17  G   A C8    1 
ATOM   367 N N7    . G   A 1 17 ? 0.476   7.902   -1.652  1.00 80.54  ? 17  G   A N7    1 
ATOM   368 C C5    . G   A 1 17 ? -0.499  7.125   -1.039  1.00 78.96  ? 17  G   A C5    1 
ATOM   369 C C6    . G   A 1 17 ? -1.446  7.454   -0.033  1.00 69.80  ? 17  G   A C6    1 
ATOM   370 O O6    . G   A 1 17 ? -1.622  8.535   0.540   1.00 68.82  ? 17  G   A O6    1 
ATOM   371 N N1    . G   A 1 17 ? -2.243  6.365   0.291   1.00 67.74  ? 17  G   A N1    1 
ATOM   372 C C2    . G   A 1 17 ? -2.145  5.119   -0.278  1.00 73.77  ? 17  G   A C2    1 
ATOM   373 N N2    . G   A 1 17 ? -3.008  4.193   0.155   1.00 63.12  ? 17  G   A N2    1 
ATOM   374 N N3    . G   A 1 17 ? -1.268  4.795   -1.210  1.00 73.29  ? 17  G   A N3    1 
ATOM   375 C C4    . G   A 1 17 ? -0.486  5.837   -1.542  1.00 75.55  ? 17  G   A C4    1 
ATOM   376 P P     . C   A 1 18 ? -1.367  5.378   -7.486  1.00 105.62 ? 18  C   A P     1 
ATOM   377 O OP1   . C   A 1 18 ? -1.479  4.759   -8.834  1.00 106.09 ? 18  C   A OP1   1 
ATOM   378 O OP2   . C   A 1 18 ? -1.271  6.859   -7.387  1.00 107.94 ? 18  C   A OP2   1 
ATOM   379 O "O5'" . C   A 1 18 ? -2.578  4.858   -6.585  1.00 96.90  ? 18  C   A "O5'" 1 
ATOM   380 C "C5'" . C   A 1 18 ? -2.985  3.497   -6.612  1.00 84.71  ? 18  C   A "C5'" 1 
ATOM   381 C "C4'" . C   A 1 18 ? -4.013  3.198   -5.547  1.00 81.65  ? 18  C   A "C4'" 1 
ATOM   382 O "O4'" . C   A 1 18 ? -3.510  3.583   -4.239  1.00 79.41  ? 18  C   A "O4'" 1 
ATOM   383 C "C3'" . C   A 1 18 ? -5.330  3.944   -5.656  1.00 79.84  ? 18  C   A "C3'" 1 
ATOM   384 O "O3'" . C   A 1 18 ? -6.210  3.405   -6.619  1.00 87.78  ? 18  C   A "O3'" 1 
ATOM   385 C "C2'" . C   A 1 18 ? -5.868  3.871   -4.235  1.00 79.49  ? 18  C   A "C2'" 1 
ATOM   386 O "O2'" . C   A 1 18 ? -6.414  2.588   -3.962  1.00 83.50  ? 18  C   A "O2'" 1 
ATOM   387 C "C1'" . C   A 1 18 ? -4.583  4.026   -3.427  1.00 78.22  ? 18  C   A "C1'" 1 
ATOM   388 N N1    . C   A 1 18 ? -4.354  5.437   -3.061  1.00 82.06  ? 18  C   A N1    1 
ATOM   389 C C2    . C   A 1 18 ? -5.132  5.992   -2.039  1.00 76.70  ? 18  C   A C2    1 
ATOM   390 O O2    . C   A 1 18 ? -5.983  5.306   -1.452  1.00 71.50  ? 18  C   A O2    1 
ATOM   391 N N3    . C   A 1 18 ? -4.942  7.279   -1.714  1.00 74.75  ? 18  C   A N3    1 
ATOM   392 C C4    . C   A 1 18 ? -4.022  7.994   -2.343  1.00 73.20  ? 18  C   A C4    1 
ATOM   393 N N4    . C   A 1 18 ? -3.883  9.252   -1.946  1.00 83.50  ? 18  C   A N4    1 
ATOM   394 C C5    . C   A 1 18 ? -3.223  7.468   -3.395  1.00 77.21  ? 18  C   A C5    1 
ATOM   395 C C6    . C   A 1 18 ? -3.423  6.189   -3.725  1.00 80.75  ? 18  C   A C6    1 
ATOM   396 P P     . C   A 1 19 ? -7.153  4.399   -7.465  1.00 96.98  ? 19  C   A P     1 
ATOM   397 O OP1   . C   A 1 19 ? -7.761  3.616   -8.573  1.00 111.68 ? 19  C   A OP1   1 
ATOM   398 O OP2   . C   A 1 19 ? -6.333  5.598   -7.791  1.00 88.16  ? 19  C   A OP2   1 
ATOM   399 O "O5'" . C   A 1 19 ? -8.321  4.797   -6.444  1.00 90.96  ? 19  C   A "O5'" 1 
ATOM   400 C "C5'" . C   A 1 19 ? -9.030  3.802   -5.708  1.00 87.70  ? 19  C   A "C5'" 1 
ATOM   401 C "C4'" . C   A 1 19 ? -9.912  4.409   -4.641  1.00 90.97  ? 19  C   A "C4'" 1 
ATOM   402 O "O4'" . C   A 1 19 ? -9.107  4.965   -3.557  1.00 87.68  ? 19  C   A "O4'" 1 
ATOM   403 C "C3'" . C   A 1 19 ? -10.788 5.572   -5.083  1.00 91.15  ? 19  C   A "C3'" 1 
ATOM   404 O "O3'" . C   A 1 19 ? -11.956 5.154   -5.767  1.00 105.67 ? 19  C   A "O3'" 1 
ATOM   405 C "C2'" . C   A 1 19 ? -11.075 6.301   -3.774  1.00 90.76  ? 19  C   A "C2'" 1 
ATOM   406 O "O2'" . C   A 1 19 ? -12.140 5.681   -3.066  1.00 93.04  ? 19  C   A "O2'" 1 
ATOM   407 C "C1'" . C   A 1 19 ? -9.762  6.088   -3.002  1.00 91.68  ? 19  C   A "C1'" 1 
ATOM   408 N N1    . C   A 1 19 ? -8.879  7.269   -3.116  1.00 87.37  ? 19  C   A N1    1 
ATOM   409 C C2    . C   A 1 19 ? -9.113  8.364   -2.272  1.00 83.03  ? 19  C   A C2    1 
ATOM   410 O O2    . C   A 1 19 ? -10.042 8.297   -1.451  1.00 89.02  ? 19  C   A O2    1 
ATOM   411 N N3    . C   A 1 19 ? -8.317  9.456   -2.358  1.00 78.93  ? 19  C   A N3    1 
ATOM   412 C C4    . C   A 1 19 ? -7.327  9.490   -3.264  1.00 86.37  ? 19  C   A C4    1 
ATOM   413 N N4    . C   A 1 19 ? -6.558  10.587  -3.346  1.00 84.96  ? 19  C   A N4    1 
ATOM   414 C C5    . C   A 1 19 ? -7.076  8.386   -4.132  1.00 83.79  ? 19  C   A C5    1 
ATOM   415 C C6    . C   A 1 19 ? -7.862  7.303   -4.024  1.00 82.11  ? 19  C   A C6    1 
HETATM 416 O O     . HOH B 2 .  ? -6.375  2.644   0.174   1.00 53.42  ? 101 HOH A O     1 
# 
loop_
_atom_site_anisotrop.id 
_atom_site_anisotrop.type_symbol 
_atom_site_anisotrop.pdbx_label_atom_id 
_atom_site_anisotrop.pdbx_label_alt_id 
_atom_site_anisotrop.pdbx_label_comp_id 
_atom_site_anisotrop.pdbx_label_asym_id 
_atom_site_anisotrop.pdbx_label_seq_id 
_atom_site_anisotrop.pdbx_PDB_ins_code 
_atom_site_anisotrop.U[1][1] 
_atom_site_anisotrop.U[2][2] 
_atom_site_anisotrop.U[3][3] 
_atom_site_anisotrop.U[1][2] 
_atom_site_anisotrop.U[1][3] 
_atom_site_anisotrop.U[2][3] 
_atom_site_anisotrop.pdbx_auth_seq_id 
_atom_site_anisotrop.pdbx_auth_comp_id 
_atom_site_anisotrop.pdbx_auth_asym_id 
_atom_site_anisotrop.pdbx_auth_atom_id 
1   O "O5'" . G   A 1  ? 1.3395 0.9885 1.1107 0.4165  -0.1746 0.2894  1  G   A "O5'" 
2   C "C5'" . G   A 1  ? 1.4159 1.0795 1.2057 0.4426  -0.1582 0.2911  1  G   A "C5'" 
3   C "C4'" . G   A 1  ? 1.3875 1.1179 1.2348 0.4484  -0.1493 0.2941  1  G   A "C4'" 
4   O "O4'" . G   A 1  ? 1.3943 1.1576 1.2595 0.4365  -0.1677 0.2965  1  G   A "O4'" 
5   C "C3'" . G   A 1  ? 1.3096 1.0743 1.1933 0.4232  -0.1340 0.2857  1  G   A "C3'" 
6   O "O3'" . G   A 1  ? 1.2883 1.0450 1.1759 0.4370  -0.1116 0.2839  1  G   A "O3'" 
7   C "C2'" . G   A 1  ? 1.3268 1.1611 1.2662 0.4159  -0.1360 0.2867  1  G   A "C2'" 
8   O "O2'" . G   A 1  ? 1.3452 1.2103 1.3158 0.4440  -0.1224 0.2914  1  G   A "O2'" 
9   C "C1'" . G   A 1  ? 1.2882 1.1118 1.2065 0.4151  -0.1612 0.2918  1  G   A "C1'" 
10  N N9    . G   A 1  ? 1.2180 1.0384 1.1275 0.3796  -0.1751 0.2864  1  G   A N9    
11  C C8    . G   A 1  ? 1.2003 0.9697 1.0605 0.3688  -0.1917 0.2862  1  G   A C8    
12  N N7    . G   A 1  ? 1.1777 0.9581 1.0434 0.3355  -0.2001 0.2805  1  G   A N7    
13  C C5    . G   A 1  ? 1.1766 1.0193 1.0986 0.3237  -0.1890 0.2769  1  G   A C5    
14  C C6    . G   A 1  ? 1.1215 1.0028 1.0746 0.2899  -0.1909 0.2703  1  G   A C6    
15  O O6    . G   A 1  ? 1.0658 0.9327 1.0019 0.2624  -0.2029 0.2660  1  G   A O6    
16  N N1    . G   A 1  ? 1.0091 0.9506 1.0186 0.2899  -0.1765 0.2688  1  G   A N1    
17  C C2    . G   A 1  ? 1.0165 0.9785 1.0496 0.3185  -0.1617 0.2731  1  G   A C2    
18  N N2    . G   A 1  ? 0.9672 0.9884 1.0556 0.3141  -0.1489 0.2708  1  G   A N2    
19  N N3    . G   A 1  ? 1.1054 1.0317 1.1099 0.3498  -0.1595 0.2789  1  G   A N3    
20  C C4    . G   A 1  ? 1.1670 1.0350 1.1167 0.3506  -0.1736 0.2806  1  G   A C4    
21  P P     . G   A 2  ? 1.3470 1.0916 1.2330 0.4127  -0.0990 0.2746  2  G   A P     
22  O OP1   . G   A 2  ? 1.3690 1.0895 1.2441 0.4348  -0.0786 0.2746  2  G   A OP1   
23  O OP2   . G   A 2  ? 1.1368 0.8397 0.9835 0.3898  -0.1165 0.2711  2  G   A OP2   
24  O "O5'" . G   A 2  ? 1.2976 1.1136 1.2465 0.3914  -0.0902 0.2699  2  G   A "O5'" 
25  C "C5'" . G   A 2  ? 1.2428 1.1094 1.2382 0.4086  -0.0756 0.2728  2  G   A "C5'" 
26  C "C4'" . G   A 2  ? 1.1576 1.0897 1.2089 0.3839  -0.0726 0.2683  2  G   A "C4'" 
27  O "O4'" . G   A 2  ? 1.1428 1.0955 1.2011 0.3700  -0.0943 0.2702  2  G   A "O4'" 
28  C "C3'" . G   A 2  ? 1.1376 1.0710 1.1954 0.3522  -0.0658 0.2589  2  G   A "C3'" 
29  O "O3'" . G   A 2  ? 1.2342 1.1725 1.3069 0.3585  -0.0425 0.2558  2  G   A "O3'" 
30  C "C2'" . G   A 2  ? 1.0929 1.0837 1.1945 0.3265  -0.0742 0.2563  2  G   A "C2'" 
31  O "O2'" . G   A 2  ? 1.1330 1.1832 1.2896 0.3332  -0.0595 0.2569  2  G   A "O2'" 
32  C "C1'" . G   A 2  ? 1.1027 1.0867 1.1870 0.3350  -0.0963 0.2630  2  G   A "C1'" 
33  N N9    . G   A 2  ? 1.0870 1.0306 1.1306 0.3136  -0.1145 0.2603  2  G   A N9    
34  C C8    . G   A 2  ? 1.1081 0.9897 1.0957 0.3236  -0.1259 0.2633  2  G   A C8    
35  N N7    . G   A 2  ? 1.0934 0.9519 1.0568 0.2981  -0.1404 0.2593  2  G   A N7    
36  C C5    . G   A 2  ? 1.0563 0.9645 1.0623 0.2696  -0.1383 0.2533  2  G   A C5    
37  C C6    . G   A 2  ? 0.9838 0.8953 0.9892 0.2346  -0.1490 0.2469  2  G   A C6    
38  O O6    . G   A 2  ? 1.0092 0.8796 0.9759 0.2208  -0.1630 0.2452  2  G   A O6    
39  N N1    . G   A 2  ? 0.9019 0.8719 0.9589 0.2146  -0.1417 0.2421  2  G   A N1    
40  C C2    . G   A 2  ? 0.9836 1.0032 1.0874 0.2263  -0.1262 0.2433  2  G   A C2    
41  N N2    . G   A 2  ? 0.9648 1.0369 1.1145 0.2027  -0.1216 0.2380  2  G   A N2    
42  N N3    . G   A 2  ? 1.0442 1.0617 1.1499 0.2589  -0.1158 0.2493  2  G   A N3    
43  C C4    . G   A 2  ? 1.0718 1.0324 1.1271 0.2787  -0.1225 0.2539  2  G   A C4    
44  P P     . C   A 3  ? 1.1890 1.0886 1.2368 0.3398  -0.0348 0.2476  3  C   A P     
45  O OP1   . C   A 3  ? 1.1552 1.0655 1.2220 0.3531  -0.0099 0.2463  3  C   A OP1   
46  O OP2   . C   A 3  ? 1.0814 0.9135 1.0688 0.3434  -0.0494 0.2489  3  C   A OP2   
47  O "O5'" . C   A 3  ? 1.1541 1.0918 1.2334 0.3008  -0.0405 0.2399  3  C   A "O5'" 
48  C "C5'" . C   A 3  ? 1.0349 1.0376 1.1722 0.2909  -0.0291 0.2376  3  C   A "C5'" 
49  C "C4'" . C   A 3  ? 0.9129 0.9433 1.0715 0.2536  -0.0381 0.2306  3  C   A "C4'" 
50  O "O4'" . C   A 3  ? 0.9912 1.0229 1.1395 0.2461  -0.0606 0.2337  3  C   A "O4'" 
51  C "C3'" . C   A 3  ? 0.9182 0.9095 1.0494 0.2295  -0.0389 0.2224  3  C   A "C3'" 
52  O "O3'" . C   A 3  ? 0.9072 0.9051 1.0552 0.2247  -0.0191 0.2168  3  C   A "O3'" 
53  C "C2'" . C   A 3  ? 0.8853 0.9000 1.0300 0.1975  -0.0551 0.2183  3  C   A "C2'" 
54  O "O2'" . C   A 3  ? 0.8799 0.9559 1.0789 0.1793  -0.0465 0.2140  3  C   A "O2'" 
55  C "C1'" . C   A 3  ? 0.9846 1.0061 1.1231 0.2126  -0.0711 0.2266  3  C   A "C1'" 
56  N N1    . C   A 3  ? 0.9525 0.9154 1.0359 0.2139  -0.0884 0.2285  3  C   A N1    
57  C C2    . C   A 3  ? 0.9053 0.8590 0.9774 0.1830  -0.1027 0.2230  3  C   A C2    
58  O O2    . C   A 3  ? 0.8516 0.8461 0.9593 0.1563  -0.1011 0.2170  3  C   A O2    
59  N N3    . C   A 3  ? 0.9872 0.8872 1.0098 0.1826  -0.1179 0.2243  3  C   A N3    
60  C C4    . C   A 3  ? 1.0764 0.9333 1.0614 0.2114  -0.1196 0.2308  3  C   A C4    
61  N N4    . C   A 3  ? 1.1195 0.9249 1.0569 0.2090  -0.1353 0.2318  3  C   A N4    
62  C C5    . C   A 3  ? 0.9016 0.7659 0.8963 0.2434  -0.1052 0.2363  3  C   A C5    
63  C C6    . C   A 3  ? 0.9069 0.8243 0.9509 0.2433  -0.0895 0.2348  3  C   A C6    
64  P P     . G   A 4  ? 0.9057 0.8434 1.0118 0.2172  -0.0154 0.2109  4  G   A P     
65  O OP1   . G   A 4  ? 0.8638 0.8205 0.9968 0.2119  0.0054  0.2056  4  G   A OP1   
66  O OP2   . G   A 4  ? 0.9454 0.8233 0.9987 0.2427  -0.0215 0.2166  4  G   A OP2   
67  O "O5'" . G   A 4  ? 0.7785 0.7075 0.8756 0.1823  -0.0321 0.2041  4  G   A "O5'" 
68  C "C5'" . G   A 4  ? 0.7575 0.7339 0.8965 0.1522  -0.0305 0.1973  4  G   A "C5'" 
69  C "C4'" . G   A 4  ? 0.7487 0.7063 0.8702 0.1223  -0.0475 0.1915  4  G   A "C4'" 
70  O "O4'" . G   A 4  ? 0.8217 0.7779 0.9293 0.1258  -0.0661 0.1973  4  G   A "O4'" 
71  C "C3'" . G   A 4  ? 0.7351 0.6262 0.8080 0.1172  -0.0517 0.1872  4  G   A "C3'" 
72  O "O3'" . G   A 4  ? 0.7343 0.6202 0.8159 0.1032  -0.0391 0.1791  4  G   A "O3'" 
73  C "C2'" . G   A 4  ? 0.7753 0.6562 0.8332 0.0943  -0.0720 0.1849  4  G   A "C2'" 
74  O "O2'" . G   A 4  ? 0.7701 0.6872 0.8617 0.0607  -0.0719 0.1766  4  G   A "O2'" 
75  C "C1'" . G   A 4  ? 0.7457 0.6552 0.8135 0.1096  -0.0810 0.1938  4  G   A "C1'" 
76  N N9    . G   A 4  ? 0.8402 0.6998 0.8610 0.1352  -0.0899 0.2011  4  G   A N9    
77  C C8    . G   A 4  ? 0.8782 0.7220 0.8858 0.1694  -0.0814 0.2081  4  G   A C8    
78  N N7    . G   A 4  ? 0.8868 0.6821 0.8488 0.1855  -0.0929 0.2132  4  G   A N7    
79  C C5    . G   A 4  ? 0.9220 0.6997 0.8661 0.1599  -0.1093 0.2092  4  G   A C5    
80  C C6    . G   A 4  ? 0.9707 0.6981 0.8673 0.1620  -0.1264 0.2117  4  G   A C6    
81  O O6    . G   A 4  ? 1.0584 0.7466 0.9191 0.1883  -0.1301 0.2183  4  G   A O6    
82  N N1    . G   A 4  ? 0.9375 0.6630 0.8312 0.1299  -0.1387 0.2057  4  G   A N1    
83  C C2    . G   A 4  ? 0.9941 0.7615 0.9265 0.0999  -0.1350 0.1980  4  G   A C2    
84  N N2    . G   A 4  ? 0.9759 0.7347 0.8997 0.0709  -0.1476 0.1926  4  G   A N2    
85  N N3    . G   A 4  ? 0.9196 0.7338 0.8961 0.0979  -0.1195 0.1956  4  G   A N3    
86  C C4    . G   A 4  ? 0.8856 0.7018 0.8651 0.1286  -0.1074 0.2015  4  G   A C4    
87  P P     . A   A 5  ? 0.8234 0.6478 0.8641 0.1188  -0.0306 0.1780  5  A   A P     
88  O OP1   . A   A 5  ? 0.7388 0.5859 0.8026 0.1378  -0.0101 0.1802  5  A   A OP1   
89  O OP2   . A   A 5  ? 0.8680 0.6362 0.8566 0.1344  -0.0446 0.1830  5  A   A OP2   
90  O "O5'" . A   A 5  ? 0.7174 0.5265 0.7572 0.0866  -0.0318 0.1668  5  A   A "O5'" 
91  C "C5'" . A   A 5  ? 0.8180 0.6190 0.8492 0.0603  -0.0487 0.1623  5  A   A "C5'" 
92  C "C4'" . A   A 5  ? 0.7313 0.5092 0.7577 0.0351  -0.0474 0.1517  5  A   A "C4'" 
93  O "O4'" . A   A 5  ? 0.7905 0.5638 0.8119 0.0072  -0.0636 0.1467  5  A   A "O4'" 
94  C "C3'" . A   A 5  ? 0.7985 0.5096 0.7790 0.0485  -0.0461 0.1507  5  A   A "C3'" 
95  O "O3'" . A   A 5  ? 0.8649 0.5713 0.8566 0.0288  -0.0383 0.1412  5  A   A "O3'" 
96  C "C2'" . A   A 5  ? 1.0000 0.6685 0.9425 0.0399  -0.0656 0.1504  5  A   A "C2'" 
97  O "O2'" . A   A 5  ? 1.0055 0.6124 0.9089 0.0388  -0.0688 0.1459  5  A   A "O2'" 
98  C "C1'" . A   A 5  ? 0.8867 0.5957 0.8620 0.0055  -0.0726 0.1438  5  A   A "C1'" 
99  N N9    . A   A 5  ? 0.8980 0.5944 0.8541 -0.0047 -0.0908 0.1452  5  A   A N9    
100 C C8    . A   A 5  ? 0.9644 0.6421 0.9110 -0.0334 -0.1019 0.1376  5  A   A C8    
101 N N7    . A   A 5  ? 1.0852 0.7550 1.0145 -0.0370 -0.1170 0.1410  5  A   A N7    
102 C C5    . A   A 5  ? 0.9787 0.6645 0.9073 -0.0090 -0.1164 0.1516  5  A   A C5    
103 C C6    . A   A 5  ? 1.0262 0.7129 0.9399 0.0018  -0.1290 0.1596  5  A   A C6    
104 N N6    . A   A 5  ? 1.1072 0.7776 1.0025 -0.0156 -0.1446 0.1582  5  A   A N6    
105 N N1    . A   A 5  ? 0.9793 0.6839 0.8978 0.0311  -0.1250 0.1692  5  A   A N1    
106 C C2    . A   A 5  ? 1.0224 0.7430 0.9599 0.0478  -0.1082 0.1704  5  A   A C2    
107 N N3    . A   A 5  ? 0.9107 0.6317 0.8621 0.0398  -0.0948 0.1636  5  A   A N3    
108 C C4    . A   A 5  ? 0.9440 0.6468 0.8898 0.0110  -0.1002 0.1543  5  A   A C4    
109 P P     . A   A 6  ? 1.0822 0.5139 0.9621 -0.0158 -0.2370 0.1063  6  A   A P     
110 O OP1   . A   A 6  ? 1.1388 0.5081 0.9487 -0.0351 -0.2322 0.1240  6  A   A OP1   
111 O OP2   . A   A 6  ? 1.1050 0.5785 1.0588 -0.0244 -0.2581 0.0994  6  A   A OP2   
112 O "O5'" . A   A 6  ? 1.0511 0.4725 0.9276 0.0054  -0.2392 0.0991  6  A   A "O5'" 
113 C "C5'" . A   A 6  ? 1.0570 0.5203 0.9932 0.0212  -0.2506 0.0844  6  A   A "C5'" 
114 C "C4'" . A   A 6  ? 1.0800 0.5310 0.9971 0.0418  -0.2433 0.0774  6  A   A "C4'" 
115 O "O4'" . A   A 6  ? 1.1433 0.5379 1.0206 0.0265  -0.2524 0.0865  6  A   A "O4'" 
116 C "C3'" . A   A 6  ? 0.9828 0.4263 0.8585 0.0581  -0.2189 0.0766  6  A   A "C3'" 
117 O "O3'" . A   A 6  ? 1.1401 0.6029 1.0309 0.0828  -0.2145 0.0632  6  A   A "O3'" 
118 C "C2'" . A   A 6  ? 1.1575 0.5357 0.9712 0.0440  -0.2144 0.0897  6  A   A "C2'" 
119 O "O2'" . A   A 6  ? 1.2572 0.6133 1.0351 0.0608  -0.1974 0.0876  6  A   A "O2'" 
120 C "C1'" . A   A 6  ? 1.0994 0.4556 0.9198 0.0314  -0.2319 0.0893  6  A   A "C1'" 
121 N N9    . A   A 6  ? 1.2618 0.5864 1.0408 0.0024  -0.2276 0.0986  6  A   A N9    
122 C C8    . A   A 6  ? 1.3276 0.6288 1.0705 -0.0130 -0.2187 0.1101  6  A   A C8    
123 N N7    . A   A 6  ? 1.4496 0.7323 1.1635 -0.0382 -0.2159 0.1136  6  A   A N7    
124 C C5    . A   A 6  ? 1.4250 0.7152 1.1517 -0.0414 -0.2243 0.1054  6  A   A C5    
125 C C6    . A   A 6  ? 1.5626 0.8384 1.2654 -0.0655 -0.2270 0.1045  6  A   A C6    
126 N N6    . A   A 6  ? 1.5823 0.8353 1.2455 -0.0899 -0.2209 0.1106  6  A   A N6    
127 N N1    . A   A 6  ? 1.4662 0.7507 1.1839 -0.0647 -0.2368 0.0966  6  A   A N1    
128 C C2    . A   A 6  ? 1.4346 0.7443 1.1933 -0.0397 -0.2427 0.0888  6  A   A C2    
129 N N3    . A   A 6  ? 1.3990 0.7280 1.1868 -0.0138 -0.2404 0.0870  6  A   A N3    
130 C C4    . A   A 6  ? 1.3422 0.6583 1.1097 -0.0167 -0.2314 0.0963  6  A   A C4    
131 P P     . G   A 7  ? 1.0510 0.5788 0.9955 0.1014  -0.2122 0.0466  7  G   A P     
132 O OP1   . G   A 7  ? 1.2042 0.7363 1.1436 0.1251  -0.2054 0.0369  7  G   A OP1   
133 O OP2   . G   A 7  ? 1.0913 0.6529 1.0968 0.0940  -0.2289 0.0393  7  G   A OP2   
134 O "O5'" . G   A 7  ? 1.0017 0.5432 0.9279 0.0964  -0.1969 0.0504  7  G   A "O5'" 
135 C "C5'" . G   A 7  ? 1.0264 0.5482 0.9041 0.1065  -0.1830 0.0557  7  G   A "C5'" 
136 C "C4'" . G   A 7  ? 1.0444 0.6022 0.9244 0.1061  -0.1713 0.0502  7  G   A "C4'" 
137 O "O4'" . G   A 7  ? 0.8982 0.4651 0.7866 0.0813  -0.1692 0.0538  7  G   A "O4'" 
138 C "C3'" . G   A 7  ? 0.9268 0.5420 0.8581 0.1195  -0.1697 0.0296  7  G   A "C3'" 
139 O "O3'" . G   A 7  ? 1.0552 0.6864 0.9624 0.1203  -0.1564 0.0265  7  G   A "O3'" 
140 C "C2'" . G   A 7  ? 0.9414 0.5907 0.9275 0.1033  -0.1740 0.0211  7  G   A "C2'" 
141 O "O2'" . G   A 7  ? 0.9478 0.6539 0.9826 0.1067  -0.1659 -0.0001 7  G   A "O2'" 
142 C "C1'" . G   A 7  ? 0.9420 0.5679 0.8905 0.0797  -0.1668 0.0350  7  G   A "C1'" 
143 N N9    . G   A 7  ? 0.9268 0.5655 0.9171 0.0603  -0.1756 0.0343  7  G   A N9    
144 C C8    . G   A 7  ? 0.9856 0.6182 1.0137 0.0587  -0.1971 0.0357  7  G   A C8    
145 N N7    . G   A 7  ? 0.9599 0.6088 1.0270 0.0399  -0.2050 0.0346  7  G   A N7    
146 C C5    . G   A 7  ? 0.9802 0.6506 1.0356 0.0281  -0.1834 0.0296  7  G   A C5    
147 C C6    . G   A 7  ? 1.0118 0.7086 1.0991 0.0052  -0.1785 0.0241  7  G   A C6    
148 O O6    . G   A 7  ? 1.0055 0.7135 1.1451 -0.0064 -0.1961 0.0232  7  G   A O6    
149 N N1    . G   A 7  ? 1.0118 0.7208 1.0650 -0.0057 -0.1519 0.0193  7  G   A N1    
150 C C2    . G   A 7  ? 0.9979 0.6922 0.9921 0.0048  -0.1368 0.0219  7  G   A C2    
151 N N2    . G   A 7  ? 0.9439 0.6468 0.9039 -0.0128 -0.1144 0.0182  7  G   A N2    
152 N N3    . G   A 7  ? 0.9777 0.6483 0.9478 0.0289  -0.1446 0.0279  7  G   A N3    
153 C C4    . G   A 7  ? 0.9216 0.5834 0.9254 0.0391  -0.1657 0.0303  7  G   A C4    
154 C C2    . 6MZ A 8  ? 1.2753 0.9056 0.9137 0.0108  -0.0822 0.0313  8  6MZ A C2    
155 C C4    . 6MZ A 8  ? 1.1576 0.7663 0.8562 0.0561  -0.1091 0.0432  8  6MZ A C4    
156 C C5    . 6MZ A 8  ? 1.1622 0.8158 0.9220 0.0454  -0.0989 0.0256  8  6MZ A C5    
157 O O1P   . 6MZ A 8  ? 1.1243 0.7606 1.0390 0.1636  -0.1643 0.0152  8  6MZ A O1P   
158 O O2P   . 6MZ A 8  ? 0.9814 0.6955 0.9419 0.1368  -0.1454 -0.0073 8  6MZ A O2P   
159 N N9    . 6MZ A 8  ? 1.1520 0.7326 0.8599 0.0804  -0.1249 0.0534  8  6MZ A N9    
160 N N3    . 6MZ A 8  ? 1.3171 0.9138 0.9576 0.0404  -0.1033 0.0471  8  6MZ A N3    
161 N N1    . 6MZ A 8  ? 1.2457 0.9266 0.9527 0.0006  -0.0675 0.0098  8  6MZ A N1    
162 C C6    . 6MZ A 8  ? 1.2290 0.9210 0.9971 0.0187  -0.0779 0.0080  8  6MZ A C6    
163 N N6    . 6MZ A 8  ? 1.2662 1.0112 1.1098 0.0066  -0.0661 -0.0148 8  6MZ A N6    
164 C C9    . 6MZ A 8  ? 1.3114 1.1029 1.1693 -0.0179 -0.0402 -0.0406 8  6MZ A C9    
165 N N7    . 6MZ A 8  ? 1.0919 0.7411 0.8942 0.0622  -0.1122 0.0280  8  6MZ A N7    
166 C C8    . 6MZ A 8  ? 1.0946 0.6985 0.8613 0.0823  -0.1258 0.0444  8  6MZ A C8    
167 O "O5'" . 6MZ A 8  ? 1.1440 0.7685 0.9863 0.1386  -0.1480 0.0284  8  6MZ A "O5'" 
168 C "C5'" . 6MZ A 8  ? 1.1195 0.6911 0.9183 0.1490  -0.1556 0.0451  8  6MZ A "C5'" 
169 C "C4'" . 6MZ A 8  ? 1.1969 0.7417 0.9367 0.1455  -0.1549 0.0576  8  6MZ A "C4'" 
170 O "O4'" . 6MZ A 8  ? 1.2424 0.7638 0.9460 0.1190  -0.1480 0.0700  8  6MZ A "O4'" 
171 C "C1'" . 6MZ A 8  ? 1.2319 0.7642 0.9028 0.1022  -0.1404 0.0697  8  6MZ A "C1'" 
172 C "C2'" . 6MZ A 8  ? 1.3690 0.9166 1.0378 0.1207  -0.1469 0.0628  8  6MZ A "C2'" 
173 O "O2'" . 6MZ A 8  ? 1.5028 0.9978 1.1236 0.1331  -0.1620 0.0813  8  6MZ A "O2'" 
174 C "C3'" . 6MZ A 8  ? 1.2872 0.8656 1.0208 0.1442  -0.1509 0.0479  8  6MZ A "C3'" 
175 O "O3'" . 6MZ A 8  ? 1.3123 0.8915 1.0488 0.1692  -0.1619 0.0449  8  6MZ A "O3'" 
176 P P     . 6MZ A 8  ? 1.0390 0.6945 0.9493 0.1420  -0.1537 0.0145  8  6MZ A P     
177 P P     . A   A 9  ? 1.1695 0.8023 0.9398 0.1773  -0.1591 0.0241  9  A   A P     
178 O OP1   . A   A 9  ? 1.4166 1.0343 1.1818 0.2035  -0.1746 0.0275  9  A   A OP1   
179 O OP2   . A   A 9  ? 1.1532 0.8311 0.9876 0.1764  -0.1509 0.0049  9  A   A OP2   
180 O "O5'" . A   A 9  ? 1.2319 0.8721 0.9574 0.1521  -0.1497 0.0245  9  A   A "O5'" 
181 C "C5'" . A   A 9  ? 1.1751 0.7727 0.8332 0.1480  -0.1611 0.0429  9  A   A "C5'" 
182 C "C4'" . A   A 9  ? 1.3069 0.9072 0.9169 0.1134  -0.1481 0.0428  9  A   A "C4'" 
183 O "O4'" . A   A 9  ? 1.3782 0.9831 0.9954 0.0900  -0.1309 0.0411  9  A   A "O4'" 
184 C "C3'" . A   A 9  ? 1.3377 0.9900 0.9643 0.1019  -0.1337 0.0191  9  A   A "C3'" 
185 O "O3'" . A   A 9  ? 1.2457 0.8902 0.8419 0.1110  -0.1488 0.0222  9  A   A "O3'" 
186 C "C2'" . A   A 9  ? 1.4316 1.0877 1.0236 0.0612  -0.1117 0.0150  9  A   A "C2'" 
187 O "O2'" . A   A 9  ? 1.5251 1.1339 1.0288 0.0407  -0.1204 0.0343  9  A   A "O2'" 
188 C "C1'" . A   A 9  ? 1.3531 0.9927 0.9637 0.0593  -0.1092 0.0244  9  A   A "C1'" 
189 N N9    . A   A 9  ? 1.2620 0.9549 0.9504 0.0569  -0.0923 0.0011  9  A   A N9    
190 C C8    . A   A 9  ? 1.1713 0.8780 0.9246 0.0793  -0.0999 -0.0028 9  A   A C8    
191 N N7    . A   A 9  ? 1.2219 0.9753 1.0381 0.0700  -0.0861 -0.0241 9  A   A N7    
192 C C5    . A   A 9  ? 1.2228 0.9985 1.0182 0.0399  -0.0640 -0.0379 9  A   A C5    
193 C C6    . A   A 9  ? 1.2860 1.1137 1.1306 0.0173  -0.0398 -0.0659 9  A   A C6    
194 N N6    . A   A 9  ? 1.2439 1.1113 1.1765 0.0250  -0.0388 -0.0834 9  A   A N6    
195 N N1    . A   A 9  ? 1.3759 1.2122 1.1773 -0.0153 -0.0171 -0.0768 9  A   A N1    
196 C C2    . A   A 9  ? 1.3981 1.1887 1.1073 -0.0251 -0.0230 -0.0570 9  A   A C2    
197 N N3    . A   A 9  ? 1.4063 1.1448 1.0666 -0.0036 -0.0497 -0.0283 9  A   A N3    
198 C C4    . A   A 9  ? 1.2470 0.9834 0.9579 0.0294  -0.0673 -0.0218 9  A   A C4    
199 P P     . C   A 10 ? 1.2725 0.9678 0.9217 0.1298  -0.1476 -0.0012 10 C   A P     
200 O OP1   . C   A 10 ? 1.2893 0.9638 0.8876 0.1319  -0.1669 0.0083  10 C   A OP1   
201 O OP2   . C   A 10 ? 1.1345 0.8453 0.8529 0.1600  -0.1523 -0.0072 10 C   A OP2   
202 O "O5'" . C   A 10 ? 1.2839 1.0300 0.9541 0.1011  -0.1170 -0.0286 10 C   A "O5'" 
203 C "C5'" . C   A 10 ? 1.3583 1.0966 0.9649 0.0637  -0.1037 -0.0298 10 C   A "C5'" 
204 C "C4'" . C   A 10 ? 1.3486 1.1356 0.9932 0.0372  -0.0697 -0.0587 10 C   A "C4'" 
205 O "O4'" . C   A 10 ? 1.2566 1.0434 0.9381 0.0370  -0.0637 -0.0552 10 C   A "O4'" 
206 C "C3'" . C   A 10 ? 1.2979 1.1454 1.0219 0.0512  -0.0575 -0.0906 10 C   A "C3'" 
207 O "O3'" . C   A 10 ? 1.2106 1.0740 0.9074 0.0401  -0.0512 -0.1051 10 C   A "O3'" 
208 C "C2'" . C   A 10 ? 1.2291 1.1155 1.0112 0.0336  -0.0309 -0.1129 10 C   A "C2'" 
209 O "O2'" . C   A 10 ? 1.1885 1.0903 0.9365 -0.0081 -0.0018 -0.1311 10 C   A "O2'" 
210 C "C1'" . C   A 10 ? 1.2196 1.0648 0.9841 0.0353  -0.0430 -0.0859 10 C   A "C1'" 
211 N N1    . C   A 10 ? 1.1505 1.0000 0.9814 0.0674  -0.0591 -0.0813 10 C   A N1    
212 C C2    . C   A 10 ? 1.1142 1.0064 1.0278 0.0671  -0.0482 -0.1025 10 C   A C2    
213 O O2    . C   A 10 ? 1.1398 1.0704 1.0792 0.0427  -0.0233 -0.1274 10 C   A O2    
214 N N3    . C   A 10 ? 1.0099 0.8989 0.9743 0.0919  -0.0661 -0.0963 10 C   A N3    
215 C C4    . C   A 10 ? 0.9844 0.8328 0.9206 0.1147  -0.0883 -0.0734 10 C   A C4    
216 N N4    . C   A 10 ? 0.9464 0.7902 0.9276 0.1331  -0.1030 -0.0693 10 C   A N4    
217 C C5    . C   A 10 ? 0.9423 0.7522 0.8052 0.1184  -0.0975 -0.0547 10 C   A C5    
218 C C6    . C   A 10 ? 0.9844 0.7944 0.7962 0.0949  -0.0850 -0.0576 10 C   A C6    
219 P P     . C   A 11 ? 1.3027 1.2070 1.0613 0.0676  -0.0549 -0.1261 11 C   A P     
220 O OP1   . C   A 11 ? 1.4287 1.3338 1.1332 0.0503  -0.0525 -0.1335 11 C   A OP1   
221 O OP2   . C   A 11 ? 1.1103 0.9969 0.9001 0.1077  -0.0829 -0.1078 11 C   A OP2   
222 O "O5'" . C   A 11 ? 1.2341 1.1972 1.0792 0.0603  -0.0257 -0.1622 11 C   A "O5'" 
223 C "C5'" . C   A 11 ? 1.2365 1.2241 1.0733 0.0211  0.0079  -0.1862 11 C   A "C5'" 
224 C "C4'" . C   A 11 ? 1.1101 1.1536 1.0498 0.0235  0.0289  -0.2198 11 C   A "C4'" 
225 O "O4'" . C   A 11 ? 1.1437 1.1774 1.1231 0.0354  0.0177  -0.2051 11 C   A "O4'" 
226 C "C3'" . C   A 11 ? 1.0388 1.1163 1.0517 0.0540  0.0216  -0.2387 11 C   A "C3'" 
227 O "O3'" . C   A 11 ? 1.1239 1.2321 1.1339 0.0387  0.0431  -0.2686 11 C   A "O3'" 
228 C "C2'" . C   A 11 ? 1.0502 1.1593 1.1629 0.0651  0.0246  -0.2539 11 C   A "C2'" 
229 O "O2'" . C   A 11 ? 1.0778 1.2348 1.2398 0.0398  0.0589  -0.2930 11 C   A "O2'" 
230 C "C1'" . C   A 11 ? 1.0994 1.1701 1.1794 0.0595  0.0133  -0.2234 11 C   A "C1'" 
231 N N1    . C   A 11 ? 0.9312 0.9688 1.0181 0.0920  -0.0201 -0.1944 11 C   A N1    
232 C C2    . C   A 11 ? 0.9271 0.9813 1.0970 0.1101  -0.0316 -0.2002 11 C   A C2    
233 O O2    . C   A 11 ? 0.8865 0.9849 1.1305 0.1025  -0.0166 -0.2294 11 C   A O2    
234 N N3    . C   A 11 ? 0.8865 0.9069 1.0544 0.1339  -0.0595 -0.1752 11 C   A N3    
235 C C4    . C   A 11 ? 0.9316 0.9075 1.0276 0.1423  -0.0734 -0.1480 11 C   A C4    
236 N N4    . C   A 11 ? 0.9558 0.9006 1.0536 0.1630  -0.0960 -0.1280 11 C   A N4    
237 C C5    . C   A 11 ? 0.9288 0.8880 0.9483 0.1281  -0.0654 -0.1409 11 C   A C5    
238 C C6    . C   A 11 ? 0.8816 0.8702 0.8946 0.1019  -0.0399 -0.1630 11 C   A C6    
239 P P     . G   A 12 ? 1.0773 0.9825 1.5992 0.1776  -0.2671 -0.1169 12 G   A P     
240 O OP1   . G   A 12 ? 1.2295 1.1230 1.8119 0.1748  -0.3045 -0.1148 12 G   A OP1   
241 O OP2   . G   A 12 ? 1.0513 0.9184 1.4900 0.1836  -0.2601 -0.1009 12 G   A OP2   
242 O "O5'" . G   A 12 ? 0.8840 0.8491 1.4585 0.1898  -0.2446 -0.1500 12 G   A "O5'" 
243 C "C5'" . G   A 12 ? 0.7560 0.7642 1.4283 0.1907  -0.2504 -0.1750 12 G   A "C5'" 
244 C "C4'" . G   A 12 ? 0.8391 0.9023 1.5353 0.1899  -0.2131 -0.2049 12 G   A "C4'" 
245 O "O4'" . G   A 12 ? 0.9101 0.9746 1.5545 0.2012  -0.1951 -0.2094 12 G   A "O4'" 
246 C "C3'" . G   A 12 ? 0.8848 0.9574 1.5449 0.1701  -0.1858 -0.2025 12 G   A "C3'" 
247 O "O3'" . G   A 12 ? 0.9067 0.9991 1.6302 0.1560  -0.1911 -0.2095 12 G   A "O3'" 
248 C "C2'" . G   A 12 ? 0.9440 1.0551 1.5922 0.1704  -0.1495 -0.2281 12 G   A "C2'" 
249 O "O2'" . G   A 12 ? 0.9585 1.1241 1.7022 0.1707  -0.1384 -0.2658 12 G   A "O2'" 
250 C "C1'" . G   A 12 ? 0.9131 1.0025 1.5233 0.1904  -0.1594 -0.2206 12 G   A "C1'" 
251 N N9    . G   A 12 ? 0.8799 0.9294 1.3885 0.1888  -0.1539 -0.1937 12 G   A N9    
252 C C8    . G   A 12 ? 0.8729 0.8706 1.3274 0.1937  -0.1736 -0.1636 12 G   A C8    
253 N N7    . G   A 12 ? 0.8788 0.8532 1.2550 0.1918  -0.1613 -0.1483 12 G   A N7    
254 C C5    . G   A 12 ? 0.8890 0.8983 1.2602 0.1830  -0.1344 -0.1666 12 G   A C5    
255 C C6    . G   A 12 ? 0.8765 0.8771 1.1755 0.1755  -0.1159 -0.1602 12 G   A C6    
256 O O6    . G   A 12 ? 0.7850 0.7461 1.0149 0.1786  -0.1209 -0.1368 12 G   A O6    
257 N N1    . G   A 12 ? 0.9444 0.9863 1.2578 0.1614  -0.0901 -0.1857 12 G   A N1    
258 C C2    . G   A 12 ? 0.9909 1.0806 1.3864 0.1572  -0.0800 -0.2170 12 G   A C2    
259 N N2    . G   A 12 ? 0.9827 1.1075 1.3785 0.1395  -0.0499 -0.2424 12 G   A N2    
260 N N3    . G   A 12 ? 0.9306 1.0305 1.4032 0.1680  -0.0989 -0.2237 12 G   A N3    
261 C C4    . G   A 12 ? 0.8343 0.8909 1.2856 0.1798  -0.1268 -0.1960 12 G   A C4    
262 P P     . G   A 13 ? 0.9954 1.0664 1.6663 0.1329  -0.1827 -0.1886 13 G   A P     
263 O OP1   . G   A 13 ? 0.9813 1.0741 1.7350 0.1210  -0.1967 -0.1969 13 G   A OP1   
264 O OP2   . G   A 13 ? 1.0190 1.0274 1.5955 0.1347  -0.1965 -0.1520 13 G   A OP2   
265 O "O5'" . G   A 13 ? 1.0413 1.1443 1.6775 0.1194  -0.1376 -0.2071 13 G   A "O5'" 
266 C "C5'" . G   A 13 ? 0.9767 1.1406 1.6877 0.1135  -0.1126 -0.2471 13 G   A "C5'" 
267 C "C4'" . G   A 13 ? 0.8776 1.0557 1.5254 0.0989  -0.0720 -0.2592 13 G   A "C4'" 
268 O "O4'" . G   A 13 ? 0.9215 1.0726 1.4994 0.1150  -0.0746 -0.2461 13 G   A "O4'" 
269 C "C3'" . G   A 13 ? 0.9450 1.0978 1.5125 0.0738  -0.0564 -0.2395 13 G   A "C3'" 
270 O "O3'" . G   A 13 ? 0.9949 1.1822 1.6142 0.0495  -0.0393 -0.2586 13 G   A "O3'" 
271 C "C2'" . G   A 13 ? 0.9824 1.1282 1.4655 0.0682  -0.0310 -0.2409 13 G   A "C2'" 
272 O "O2'" . G   A 13 ? 1.0464 1.2434 1.5629 0.0498  0.0048  -0.2799 13 G   A "O2'" 
273 C "C1'" . G   A 13 ? 1.0052 1.1378 1.4872 0.0988  -0.0516 -0.2352 13 G   A "C1'" 
274 N N9    . G   A 13 ? 0.9797 1.0529 1.3785 0.1098  -0.0724 -0.1962 13 G   A N9    
275 C C8    . G   A 13 ? 0.9782 1.0140 1.3771 0.1252  -0.1040 -0.1718 13 G   A C8    
276 N N7    . G   A 13 ? 1.0301 1.0179 1.3469 0.1297  -0.1108 -0.1437 13 G   A N7    
277 C C5    . G   A 13 ? 0.9362 0.9275 1.1952 0.1178  -0.0871 -0.1470 13 G   A C5    
278 C C6    . G   A 13 ? 0.8725 0.8221 1.0401 0.1174  -0.0861 -0.1242 13 G   A C6    
279 O O6    . G   A 13 ? 0.8186 0.7230 0.9434 0.1294  -0.1033 -0.0988 13 G   A O6    
280 N N1    . G   A 13 ? 0.9747 0.9384 1.1024 0.0992  -0.0627 -0.1348 13 G   A N1    
281 C C2    . G   A 13 ? 1.0206 1.0340 1.1898 0.0815  -0.0377 -0.1667 13 G   A C2    
282 N N2    . G   A 13 ? 1.0939 1.1091 1.2047 0.0598  -0.0160 -0.1730 13 G   A N2    
283 N N3    . G   A 13 ? 0.8974 0.9544 1.1600 0.0835  -0.0348 -0.1919 13 G   A N3    
284 C C4    . G   A 13 ? 0.9259 0.9678 1.2289 0.1031  -0.0626 -0.1787 13 G   A C4    
285 P P     . G   A 14 ? 1.1030 1.2582 1.6838 0.0292  -0.0467 -0.2315 14 G   A P     
286 O OP1   . G   A 14 ? 1.1147 1.3202 1.7672 0.0040  -0.0242 -0.2615 14 G   A OP1   
287 O OP2   . G   A 14 ? 1.0458 1.1573 1.6263 0.0470  -0.0893 -0.1998 14 G   A OP2   
288 O "O5'" . G   A 14 ? 1.0626 1.1752 1.5128 0.0149  -0.0280 -0.2087 14 G   A "O5'" 
289 C "C5'" . G   A 14 ? 1.0339 1.1677 1.4448 -0.0062 0.0094  -0.2292 14 G   A "C5'" 
290 C "C4'" . G   A 14 ? 1.1229 1.2010 1.4082 -0.0110 0.0107  -0.1985 14 G   A "C4'" 
291 O "O4'" . G   A 14 ? 1.1334 1.1855 1.3949 0.0211  -0.0121 -0.1825 14 G   A "O4'" 
292 C "C3'" . G   A 14 ? 1.1605 1.1862 1.3842 -0.0209 -0.0030 -0.1630 14 G   A "C3'" 
293 O "O3'" . G   A 14 ? 1.2607 1.2941 1.4616 -0.0578 0.0225  -0.1700 14 G   A "O3'" 
294 C "C2'" . G   A 14 ? 1.1496 1.1189 1.2769 -0.0056 -0.0164 -0.1326 14 G   A "C2'" 
295 O "O2'" . G   A 14 ? 1.1355 1.0935 1.1841 -0.0277 0.0056  -0.1335 14 G   A "O2'" 
296 C "C1'" . G   A 14 ? 1.1123 1.1016 1.2841 0.0257  -0.0284 -0.1445 14 G   A "C1'" 
297 N N9    . G   A 14 ? 1.0126 0.9766 1.2092 0.0527  -0.0609 -0.1256 14 G   A N9    
298 C C8    . G   A 14 ? 0.9894 0.9779 1.2747 0.0631  -0.0768 -0.1365 14 G   A C8    
299 N N7    . G   A 14 ? 0.9498 0.9031 1.2303 0.0817  -0.1049 -0.1156 14 G   A N7    
300 C C5    . G   A 14 ? 0.9414 0.8478 1.1318 0.0864  -0.1053 -0.0919 14 G   A C5    
301 C C6    . G   A 14 ? 0.8746 0.7313 1.0244 0.1030  -0.1260 -0.0673 14 G   A C6    
302 O O6    . G   A 14 ? 0.7969 0.6388 0.9749 0.1134  -0.1474 -0.0606 14 G   A O6    
303 N N1    . G   A 14 ? 0.8040 0.6242 0.8727 0.1049  -0.1204 -0.0505 14 G   A N1    
304 C C2    . G   A 14 ? 0.8765 0.7023 0.9012 0.0902  -0.1011 -0.0538 14 G   A C2    
305 N N2    . G   A 14 ? 0.9795 0.7618 0.9298 0.0954  -0.1048 -0.0340 14 G   A N2    
306 N N3    . G   A 14 ? 0.9296 0.7989 0.9816 0.0704  -0.0802 -0.0761 14 G   A N3    
307 C C4    . G   A 14 ? 0.9563 0.8671 1.0951 0.0702  -0.0814 -0.0960 14 G   A C4    
308 P P     . G   A 15 ? 1.3382 1.3846 1.5966 -0.0738 0.0180  -0.1708 15 G   A P     
309 O OP1   . G   A 15 ? 1.4610 1.5607 1.7591 -0.1072 0.0552  -0.2074 15 G   A OP1   
310 O OP2   . G   A 15 ? 1.2240 1.2749 1.5608 -0.0457 -0.0161 -0.1656 15 G   A OP2   
311 O "O5'" . G   A 15 ? 1.2989 1.2777 1.4543 -0.0875 0.0097  -0.1314 15 G   A "O5'" 
312 C "C5'" . G   A 15 ? 1.3189 1.2559 1.3647 -0.0987 0.0208  -0.1152 15 G   A "C5'" 
313 C "C4'" . G   A 15 ? 1.2740 1.1403 1.2465 -0.0805 -0.0066 -0.0746 15 G   A "C4'" 
314 O "O4'" . G   A 15 ? 1.1800 1.0452 1.1953 -0.0429 -0.0324 -0.0699 15 G   A "O4'" 
315 C "C3'" . G   A 15 ? 1.2382 1.0676 1.1893 -0.0946 -0.0168 -0.0515 15 G   A "C3'" 
316 O "O3'" . G   A 15 ? 1.2818 1.0427 1.1300 -0.0958 -0.0243 -0.0199 15 G   A "O3'" 
317 C "C2'" . G   A 15 ? 1.1072 0.9361 1.1215 -0.0675 -0.0460 -0.0446 15 G   A "C2'" 
318 O "O2'" . G   A 15 ? 1.0943 0.8686 1.0679 -0.0690 -0.0645 -0.0149 15 G   A "O2'" 
319 C "C1'" . G   A 15 ? 1.1046 0.9295 1.1143 -0.0351 -0.0563 -0.0448 15 G   A "C1'" 
320 N N9    . G   A 15 ? 1.0165 0.8590 1.1012 -0.0101 -0.0787 -0.0502 15 G   A N9    
321 C C8    . G   A 15 ? 1.0507 0.9354 1.2287 -0.0131 -0.0857 -0.0678 15 G   A C8    
322 N N7    . G   A 15 ? 1.0500 0.9324 1.2719 0.0101  -0.1110 -0.0655 15 G   A N7    
323 C C5    . G   A 15 ? 0.9777 0.8171 1.1327 0.0288  -0.1178 -0.0472 15 G   A C5    
324 C C6    . G   A 15 ? 1.0116 0.8295 1.1716 0.0538  -0.1399 -0.0388 15 G   A C6    
325 O O6    . G   A 15 ? 0.9371 0.7649 1.1561 0.0637  -0.1607 -0.0435 15 G   A O6    
326 N N1    . G   A 15 ? 0.8238 0.6027 0.9104 0.0661  -0.1375 -0.0237 15 G   A N1    
327 C C2    . G   A 15 ? 0.9586 0.7178 0.9756 0.0571  -0.1211 -0.0151 15 G   A C2    
328 N N2    . G   A 15 ? 0.8755 0.5976 0.8379 0.0743  -0.1261 -0.0014 15 G   A N2    
329 N N3    . G   A 15 ? 0.9132 0.6860 0.9161 0.0318  -0.1026 -0.0202 15 G   A N3    
330 C C4    . G   A 15 ? 0.9003 0.7155 0.9746 0.0184  -0.0995 -0.0376 15 G   A C4    
331 P P     . A   A 16 ? 1.3706 1.1013 1.1368 -0.1352 -0.0053 -0.0103 16 A   A P     
332 O OP1   . A   A 16 ? 1.4542 1.2273 1.2197 -0.1603 0.0248  -0.0384 16 A   A OP1   
333 O OP2   . A   A 16 ? 1.3082 1.0250 1.0858 -0.1516 -0.0100 0.0004  16 A   A OP2   
334 O "O5'" . A   A 16 ? 1.3855 1.0415 1.0511 -0.1224 -0.0216 0.0223  16 A   A "O5'" 
335 C "C5'" . A   A 16 ? 1.4096 1.0570 1.0340 -0.1114 -0.0224 0.0221  16 A   A "C5'" 
336 C "C4'" . A   A 16 ? 1.4472 1.0246 1.0039 -0.0900 -0.0468 0.0538  16 A   A "C4'" 
337 O "O4'" . A   A 16 ? 1.3582 0.9422 0.9663 -0.0501 -0.0658 0.0543  16 A   A "O4'" 
338 C "C3'" . A   A 16 ? 1.4947 1.0133 1.0016 -0.1024 -0.0545 0.0798  16 A   A "C3'" 
339 O "O3'" . A   A 16 ? 1.6289 1.0813 1.0519 -0.0970 -0.0690 0.1047  16 A   A "O3'" 
340 C "C2'" . A   A 16 ? 1.4573 0.9747 1.0200 -0.0750 -0.0708 0.0841  16 A   A "C2'" 
341 O "O2'" . A   A 16 ? 1.4720 0.9258 0.9903 -0.0721 -0.0841 0.1095  16 A   A "O2'" 
342 C "C1'" . A   A 16 ? 1.3216 0.8574 0.9152 -0.0396 -0.0818 0.0761  16 A   A "C1'" 
343 N N9    . A   A 16 ? 1.2432 0.8049 0.9108 -0.0174 -0.0917 0.0676  16 A   A N9    
344 C C8    . A   A 16 ? 1.1790 0.7920 0.9219 -0.0243 -0.0865 0.0489  16 A   A C8    
345 N N7    . A   A 16 ? 1.1582 0.7758 0.9488 -0.0028 -0.1022 0.0478  16 A   A N7    
346 C C5    . A   A 16 ? 1.1488 0.7184 0.8939 0.0186  -0.1141 0.0644  16 A   A C5    
347 C C6    . A   A 16 ? 1.1288 0.6788 0.8892 0.0427  -0.1297 0.0692  16 A   A C6    
348 N N6    . A   A 16 ? 1.0194 0.5919 0.8390 0.0477  -0.1389 0.0606  16 A   A N6    
349 N N1    . A   A 16 ? 1.1796 0.6850 0.8931 0.0597  -0.1359 0.0821  16 A   A N1    
350 C C2    . A   A 16 ? 1.2214 0.6998 0.8759 0.0542  -0.1320 0.0926  16 A   A C2    
351 N N3    . A   A 16 ? 1.2697 0.7566 0.8949 0.0299  -0.1202 0.0926  16 A   A N3    
352 C C4    . A   A 16 ? 1.2155 0.7511 0.8894 0.0121  -0.1091 0.0765  16 A   A C4    
353 P P     . G   A 17 ? 1.8096 1.2343 1.1444 -0.1312 -0.0602 0.1112  17 G   A P     
354 O OP1   . G   A 17 ? 1.8439 1.3102 1.1896 -0.1732 -0.0304 0.0911  17 G   A OP1   
355 O OP2   . G   A 17 ? 1.9100 1.2520 1.1682 -0.1277 -0.0811 0.1435  17 G   A OP2   
356 O "O5'" . G   A 17 ? 1.6396 1.0876 0.9752 -0.1161 -0.0642 0.1000  17 G   A "O5'" 
357 C "C5'" . G   A 17 ? 1.5943 0.9997 0.8987 -0.0859 -0.0915 0.1183  17 G   A "C5'" 
358 C "C4'" . G   A 17 ? 1.5765 1.0205 0.9575 -0.0447 -0.1004 0.1054  17 G   A "C4'" 
359 O "O4'" . G   A 17 ? 1.5473 0.9965 0.9839 -0.0280 -0.1025 0.1056  17 G   A "O4'" 
360 C "C3'" . G   A 17 ? 1.5949 1.0029 0.9549 -0.0119 -0.1279 0.1201  17 G   A "C3'" 
361 O "O3'" . G   A 17 ? 1.6349 1.0564 0.9693 -0.0169 -0.1304 0.1136  17 G   A "O3'" 
362 C "C2'" . G   A 17 ? 1.4746 0.9091 0.9130 0.0248  -0.1336 0.1107  17 G   A "C2'" 
363 O "O2'" . G   A 17 ? 1.4022 0.9004 0.8979 0.0330  -0.1242 0.0857  17 G   A "O2'" 
364 C "C1'" . G   A 17 ? 1.4569 0.8939 0.9203 0.0113  -0.1218 0.1104  17 G   A "C1'" 
365 N N9    . G   A 17 ? 1.4408 0.8134 0.8697 0.0188  -0.1354 0.1335  17 G   A N9    
366 C C8    . G   A 17 ? 1.4803 0.8026 0.8478 -0.0056 -0.1345 0.1518  17 G   A C8    
367 N N7    . G   A 17 ? 1.4801 0.7489 0.8311 0.0093  -0.1476 0.1681  17 G   A N7    
368 C C5    . G   A 17 ? 1.4366 0.7226 0.8409 0.0442  -0.1561 0.1589  17 G   A C5    
369 C C6    . G   A 17 ? 1.3285 0.5783 0.7455 0.0705  -0.1673 0.1646  17 G   A C6    
370 O O6    . G   A 17 ? 1.3458 0.5386 0.7305 0.0699  -0.1725 0.1792  17 G   A O6    
371 N N1    . G   A 17 ? 1.2712 0.5573 0.7454 0.0980  -0.1704 0.1489  17 G   A N1    
372 C C2    . G   A 17 ? 1.3142 0.6610 0.8278 0.1015  -0.1655 0.1316  17 G   A C2    
373 N N2    . G   A 17 ? 1.1545 0.5261 0.7178 0.1281  -0.1701 0.1186  17 G   A N2    
374 N N3    . G   A 17 ? 1.2995 0.6803 0.8048 0.0788  -0.1549 0.1252  17 G   A N3    
375 C C4    . G   A 17 ? 1.3571 0.7059 0.8075 0.0504  -0.1500 0.1389  17 G   A C4    
376 P P     . C   A 18 ? 1.7921 1.1563 1.0648 -0.0029 -0.1623 0.1367  18 C   A P     
377 O OP1   . C   A 18 ? 1.7994 1.1871 1.0445 -0.0202 -0.1588 0.1257  18 C   A OP1   
378 O OP2   . C   A 18 ? 1.8689 1.1598 1.0725 -0.0169 -0.1753 0.1643  18 C   A OP2   
379 O "O5'" . C   A 18 ? 1.6578 1.0292 0.9946 0.0466  -0.1806 0.1350  18 C   A "O5'" 
380 C "C5'" . C   A 18 ? 1.4629 0.8929 0.8627 0.0666  -0.1757 0.1125  18 C   A "C5'" 
381 C "C4'" . C   A 18 ? 1.4060 0.8350 0.8614 0.1078  -0.1898 0.1119  18 C   A "C4'" 
382 O "O4'" . C   A 18 ? 1.3737 0.7903 0.8532 0.1097  -0.1817 0.1148  18 C   A "O4'" 
383 C "C3'" . C   A 18 ? 1.4089 0.7862 0.8387 0.1319  -0.2199 0.1304  18 C   A "C3'" 
384 O "O3'" . C   A 18 ? 1.5063 0.8968 0.9321 0.1427  -0.2357 0.1272  18 C   A "O3'" 
385 C "C2'" . C   A 18 ? 1.3868 0.7611 0.8725 0.1613  -0.2207 0.1263  18 C   A "C2'" 
386 O "O2'" . C   A 18 ? 1.3993 0.8246 0.9486 0.1828  -0.2172 0.1058  18 C   A "O2'" 
387 C "C1'" . C   A 18 ? 1.3666 0.7471 0.8584 0.1393  -0.1987 0.1241  18 C   A "C1'" 
388 N N1    . C   A 18 ? 1.4521 0.7701 0.8957 0.1289  -0.2041 0.1451  18 C   A N1    
389 C C2    . C   A 18 ? 1.3914 0.6719 0.8507 0.1521  -0.2134 0.1509  18 C   A C2    
390 O O2    . C   A 18 ? 1.3015 0.6023 0.8128 0.1789  -0.2157 0.1380  18 C   A O2    
391 N N3    . C   A 18 ? 1.4009 0.6221 0.8170 0.1430  -0.2179 0.1689  18 C   A N3    
392 C C4    . C   A 18 ? 1.4083 0.6071 0.7658 0.1116  -0.2146 0.1822  18 C   A C4    
393 N N4    . C   A 18 ? 1.5728 0.7105 0.8892 0.1038  -0.2197 0.1997  18 C   A N4    
394 C C5    . C   A 18 ? 1.4533 0.6895 0.7910 0.0853  -0.2042 0.1764  18 C   A C5    
395 C C6    . C   A 18 ? 1.4628 0.7587 0.8465 0.0953  -0.1985 0.1569  18 C   A C6    
396 P P     . C   A 19 ? 1.6631 0.9927 1.0290 0.1472  -0.2710 0.1517  19 C   A P     
397 O OP1   . C   A 19 ? 1.8430 1.1979 1.2024 0.1484  -0.2829 0.1449  19 C   A OP1   
398 O OP2   . C   A 19 ? 1.5937 0.8713 0.8849 0.1148  -0.2710 0.1719  19 C   A OP2   
399 O "O5'" . C   A 19 ? 1.5804 0.8838 0.9922 0.1882  -0.2898 0.1562  19 C   A "O5'" 
400 C "C5'" . C   A 19 ? 1.4990 0.8461 0.9873 0.2183  -0.2844 0.1358  19 C   A "C5'" 
401 C "C4'" . C   A 19 ? 1.5393 0.8543 1.0628 0.2478  -0.2945 0.1383  19 C   A "C4'" 
402 O "O4'" . C   A 19 ? 1.5049 0.8002 1.0263 0.2368  -0.2750 0.1406  19 C   A "O4'" 
403 C "C3'" . C   A 19 ? 1.5667 0.8299 1.0668 0.2575  -0.3240 0.1562  19 C   A "C3'" 
404 O "O3'" . C   A 19 ? 1.7331 1.0195 1.2624 0.2745  -0.3438 0.1503  19 C   A "O3'" 
405 C "C2'" . C   A 19 ? 1.5477 0.8069 1.0938 0.2638  -0.3070 0.1485  19 C   A "C2'" 
406 O "O2'" . C   A 19 ? 1.5359 0.8387 1.1606 0.2861  -0.2982 0.1264  19 C   A "O2'" 
407 C "C1'" . C   A 19 ? 1.5671 0.8217 1.0943 0.2476  -0.2834 0.1481  19 C   A "C1'" 
408 N N1    . C   A 19 ? 1.5504 0.7546 1.0149 0.2224  -0.2834 0.1683  19 C   A N1    
409 C C2    . C   A 19 ? 1.4975 0.6797 0.9775 0.2219  -0.2763 0.1691  19 C   A C2    
410 O O2    . C   A 19 ? 1.5454 0.7490 1.0879 0.2411  -0.2693 0.1534  19 C   A O2    
411 N N3    . C   A 19 ? 1.4785 0.6170 0.9035 0.1983  -0.2756 0.1861  19 C   A N3    
412 C C4    . C   A 19 ? 1.6033 0.7205 0.9579 0.1724  -0.2801 0.2020  19 C   A C4    
413 N N4    . C   A 19 ? 1.6166 0.6936 0.9179 0.1457  -0.2774 0.2172  19 C   A N4    
414 C C5    . C   A 19 ? 1.5667 0.7115 0.9055 0.1685  -0.2832 0.1995  19 C   A C5    
415 C C6    . C   A 19 ? 1.5094 0.7018 0.9085 0.1941  -0.2839 0.1813  19 C   A C6    
# 
